data_7ZC4
#
_entry.id   7ZC4
#
_cell.length_a   1.00
_cell.length_b   1.00
_cell.length_c   1.00
_cell.angle_alpha   90.00
_cell.angle_beta   90.00
_cell.angle_gamma   90.00
#
_symmetry.space_group_name_H-M   'P 1'
#
_entity_poly.entity_id   1
_entity_poly.type   'polypeptide(L)'
_entity_poly.pdbx_seq_one_letter_code
;QSSSASPQEQDQDRRKDWGHVELLEVLQARVRQLQAESVSEVVVNRVDVARLPECGSGDGSLQPPRKVQMGAKDATPVPC
GRWAKILEKDKRTQQMRMQRLKAKLQMPFQSGEFKALTRRLQVEPRLLSKQMAGCLEDCTRQAPESPWEEQLARLLQEAP
GKLSLDVEQAPSGQHSQAQLSGQQQRLLAFFKCCLLTDQLPLAHHLLVVHHGQAQKRALLTLDMYNAVMLGWARQGAFKE
LVYVLFMVKDAGLTPDLLSYAAALQCMGRQDQDAGTIERCLEQMSQEGLKLQALFTAVLLSEEDRATVLKAVHKVKPTFS
LPPQLPPPVNTSKLLRDVYAKDGRVSYPKLHLPLKTLQCLFEKQLHMELASRVCVVSVEKPTLPSKEVKHARATLATLRD
QWEKALCRALRETKNRLEREVYEGRFSLYPFLCLLDEREVVRMLLQVLQALPAQGESFTTLARELSARTFSRHVVQRQRV
SGQVQALQNHYRKYLCLLASDAEVPEPCLPRQYWEELGAPEALREQPWPLPVQMELGKLLAEMLVQATQMPCSLDKPHRS
SRLVPVLYHVYSFRNVQQIGILKPHPAYVQLLEKAAEPTLTFEAVDVPMLCPPLPWTSPHSGAFLLSPTKLMRTVEGATQ
HQELLETCPPTALHGALDALTQLGNCAWRVNGRVLDLVLQLFQAKGCPQLGVPAPPSEAPQPPEAHLPHSAAPARKAELR
RELAHCQKVAREMHSLRAEALYRLSLAQHLRDRVFWLPHNMDFRGRTYPCPPHFNHLGSDVARALLEFAQGRPLGPHGLD
WLKIHLVNLTGLKKREPLRKRLAFAEEVMDDILDSADQPLTGRKWWMGAEEPWQTLACCMEVANAVRASDPAAYVSHLPV
HQDGSCNGLQHYAALGRDSVGAASVNLEPSDVPQDVYSGVAAQVEVFRRQDAQRGMRVAQVLEGFITRKVVKQTVMTVVY
GVTRYGGRLQIEKRLRELSDFPQEFVWEASHYLVAQVFASLQEMFSGTRAIQHWLTESARLISHMGSVVEWVTPLGVPVI
QPYRLDSKVKQIGGGIQSITYTHNGDISRAPNTAKQANGFPPNFIHSLDSSHMMLTALHCYRKGLTFVSVHDCYWTHAAD
VSVMNQVCREQFVRLHSEPILQDLSRFLVKRFCSEPQKILEASQLKETLQAVPKPGAFDLEQVKRSTYFFS
;
_entity_poly.pdbx_strand_id   A
#
# COMPACT_ATOMS: atom_id res chain seq x y z
N GLY A 182 -3.10 28.79 2.27
CA GLY A 182 -3.61 28.10 3.45
C GLY A 182 -5.08 28.36 3.70
N GLN A 183 -5.42 29.63 3.97
CA GLN A 183 -6.81 29.99 4.25
C GLN A 183 -7.70 29.73 3.03
N GLN A 184 -7.18 29.98 1.82
CA GLN A 184 -7.97 29.76 0.62
C GLN A 184 -8.33 28.29 0.47
N GLN A 185 -7.38 27.38 0.75
CA GLN A 185 -7.69 25.96 0.69
C GLN A 185 -8.74 25.58 1.72
N ARG A 186 -8.64 26.14 2.93
CA ARG A 186 -9.63 25.85 3.97
C ARG A 186 -11.01 26.37 3.55
N LEU A 187 -11.07 27.57 2.98
CA LEU A 187 -12.35 28.12 2.54
C LEU A 187 -12.97 27.27 1.45
N LEU A 188 -12.16 26.83 0.48
CA LEU A 188 -12.66 25.95 -0.57
C LEU A 188 -13.15 24.63 0.01
N ALA A 189 -12.41 24.06 0.96
CA ALA A 189 -12.85 22.84 1.62
C ALA A 189 -14.14 23.07 2.39
N PHE A 190 -14.28 24.25 3.02
CA PHE A 190 -15.47 24.56 3.78
C PHE A 190 -16.70 24.57 2.90
N PHE A 191 -16.57 25.09 1.67
CA PHE A 191 -17.73 25.21 0.79
C PHE A 191 -18.09 23.89 0.16
N LYS A 192 -17.10 23.06 -0.19
CA LYS A 192 -17.40 21.73 -0.67
C LYS A 192 -18.06 20.88 0.41
N CYS A 193 -17.56 20.99 1.65
CA CYS A 193 -18.13 20.23 2.75
C CYS A 193 -19.58 20.61 2.99
N CYS A 194 -19.93 21.89 2.78
CA CYS A 194 -21.29 22.34 3.04
C CYS A 194 -22.26 21.78 2.00
N LEU A 195 -21.77 21.47 0.81
CA LEU A 195 -22.62 20.84 -0.20
C LEU A 195 -23.00 19.44 0.25
N LEU A 196 -22.06 18.73 0.89
CA LEU A 196 -22.31 17.37 1.34
C LEU A 196 -23.28 17.34 2.51
N THR A 197 -23.21 18.34 3.39
CA THR A 197 -24.12 18.45 4.51
C THR A 197 -25.41 19.19 4.15
N ASP A 198 -25.54 19.63 2.90
CA ASP A 198 -26.70 20.41 2.45
C ASP A 198 -26.90 21.63 3.33
N GLN A 199 -25.79 22.22 3.77
CA GLN A 199 -25.82 23.42 4.60
C GLN A 199 -25.59 24.67 3.75
N LEU A 200 -26.42 24.83 2.73
CA LEU A 200 -26.27 25.96 1.81
C LEU A 200 -26.48 27.30 2.48
N PRO A 201 -27.57 27.54 3.23
CA PRO A 201 -27.69 28.83 3.94
C PRO A 201 -26.48 29.10 4.82
N LEU A 202 -25.98 28.07 5.49
CA LEU A 202 -24.82 28.22 6.36
C LEU A 202 -23.59 28.65 5.55
N ALA A 203 -23.30 27.94 4.46
CA ALA A 203 -22.18 28.32 3.61
C ALA A 203 -22.38 29.71 3.01
N HIS A 204 -23.60 29.98 2.53
CA HIS A 204 -23.88 31.26 1.88
C HIS A 204 -23.72 32.42 2.85
N HIS A 205 -24.15 32.25 4.10
CA HIS A 205 -23.96 33.29 5.11
C HIS A 205 -22.49 33.67 5.24
N LEU A 206 -21.60 32.68 5.29
CA LEU A 206 -20.18 32.98 5.34
C LEU A 206 -19.71 33.68 4.07
N LEU A 207 -20.18 33.21 2.91
CA LEU A 207 -19.75 33.78 1.64
C LEU A 207 -20.17 35.25 1.53
N VAL A 208 -21.39 35.56 1.95
CA VAL A 208 -21.88 36.94 1.89
C VAL A 208 -21.04 37.84 2.80
N VAL A 209 -20.76 37.37 4.02
CA VAL A 209 -19.94 38.15 4.95
C VAL A 209 -18.54 38.33 4.38
N HIS A 210 -17.96 37.26 3.82
CA HIS A 210 -16.62 37.36 3.24
C HIS A 210 -16.63 38.29 2.04
N HIS A 211 -17.69 38.24 1.23
CA HIS A 211 -17.80 39.14 0.09
C HIS A 211 -17.87 40.60 0.54
N GLY A 212 -18.57 40.87 1.64
CA GLY A 212 -18.66 42.23 2.13
C GLY A 212 -17.31 42.80 2.54
N GLN A 213 -16.49 41.99 3.18
CA GLN A 213 -15.14 42.42 3.55
C GLN A 213 -14.23 42.39 2.33
N ALA A 214 -13.55 43.50 2.06
CA ALA A 214 -12.71 43.59 0.87
C ALA A 214 -11.55 42.59 0.94
N GLN A 215 -10.90 42.47 2.10
CA GLN A 215 -9.76 41.57 2.21
C GLN A 215 -10.18 40.12 2.00
N LYS A 216 -11.28 39.71 2.61
CA LYS A 216 -11.79 38.35 2.42
C LYS A 216 -12.23 38.12 0.98
N ARG A 217 -12.81 39.15 0.35
CA ARG A 217 -13.21 39.02 -1.05
C ARG A 217 -12.00 38.74 -1.94
N ALA A 218 -10.85 39.35 -1.63
CA ALA A 218 -9.65 39.09 -2.40
C ALA A 218 -9.25 37.61 -2.32
N LEU A 219 -9.38 37.01 -1.14
CA LEU A 219 -9.13 35.59 -1.00
C LEU A 219 -10.14 34.77 -1.78
N LEU A 220 -11.39 35.23 -1.83
CA LEU A 220 -12.46 34.48 -2.49
C LEU A 220 -12.13 34.31 -3.96
N THR A 221 -12.43 33.12 -4.49
CA THR A 221 -12.09 32.78 -5.87
C THR A 221 -13.30 32.21 -6.61
N LEU A 222 -13.10 32.10 -7.93
CA LEU A 222 -14.15 31.62 -8.81
C LEU A 222 -14.58 30.21 -8.43
N ASP A 223 -13.63 29.36 -8.04
CA ASP A 223 -13.98 28.00 -7.67
C ASP A 223 -14.92 27.98 -6.45
N MET A 224 -14.65 28.84 -5.47
CA MET A 224 -15.55 28.95 -4.32
C MET A 224 -16.92 29.43 -4.73
N TYR A 225 -16.97 30.44 -5.60
CA TYR A 225 -18.26 30.93 -6.08
C TYR A 225 -19.01 29.84 -6.82
N ASN A 226 -18.31 29.07 -7.64
CA ASN A 226 -18.94 27.97 -8.35
C ASN A 226 -19.43 26.89 -7.39
N ALA A 227 -18.68 26.62 -6.31
CA ALA A 227 -19.15 25.61 -5.36
C ALA A 227 -20.46 26.03 -4.72
N VAL A 228 -20.55 27.29 -4.30
CA VAL A 228 -21.82 27.81 -3.77
C VAL A 228 -22.90 27.73 -4.84
N MET A 229 -22.52 28.03 -6.10
CA MET A 229 -23.48 27.97 -7.20
C MET A 229 -24.02 26.57 -7.37
N LEU A 230 -23.13 25.57 -7.33
CA LEU A 230 -23.53 24.19 -7.51
C LEU A 230 -24.48 23.75 -6.39
N GLY A 231 -24.18 24.13 -5.15
CA GLY A 231 -25.08 23.78 -4.07
C GLY A 231 -26.45 24.41 -4.20
N TRP A 232 -26.49 25.70 -4.52
CA TRP A 232 -27.79 26.35 -4.71
C TRP A 232 -28.52 25.79 -5.92
N ALA A 233 -27.80 25.46 -6.99
CA ALA A 233 -28.41 24.88 -8.17
C ALA A 233 -29.04 23.53 -7.88
N ARG A 234 -28.35 22.69 -7.09
CA ARG A 234 -28.98 21.44 -6.66
C ARG A 234 -30.22 21.72 -5.81
N GLN A 235 -30.12 22.68 -4.89
CA GLN A 235 -31.31 23.05 -4.11
C GLN A 235 -32.41 23.66 -4.97
N GLY A 236 -32.10 24.04 -6.21
CA GLY A 236 -33.07 24.66 -7.07
C GLY A 236 -33.42 26.10 -6.76
N ALA A 237 -32.64 26.77 -5.92
CA ALA A 237 -32.93 28.15 -5.55
C ALA A 237 -32.39 29.08 -6.64
N PHE A 238 -33.26 29.40 -7.59
CA PHE A 238 -32.87 30.26 -8.71
C PHE A 238 -32.50 31.65 -8.22
N LYS A 239 -33.26 32.19 -7.27
CA LYS A 239 -32.97 33.54 -6.77
C LYS A 239 -31.60 33.58 -6.12
N GLU A 240 -31.29 32.57 -5.30
CA GLU A 240 -29.98 32.51 -4.66
C GLU A 240 -28.88 32.36 -5.68
N LEU A 241 -29.08 31.54 -6.71
CA LEU A 241 -28.06 31.36 -7.73
C LEU A 241 -27.81 32.68 -8.47
N VAL A 242 -28.89 33.40 -8.77
CA VAL A 242 -28.76 34.70 -9.44
C VAL A 242 -28.00 35.66 -8.55
N TYR A 243 -28.25 35.62 -7.24
CA TYR A 243 -27.51 36.47 -6.31
C TYR A 243 -26.03 36.13 -6.30
N VAL A 244 -25.69 34.84 -6.36
CA VAL A 244 -24.28 34.45 -6.43
C VAL A 244 -23.65 34.97 -7.71
N LEU A 245 -24.38 34.87 -8.83
CA LEU A 245 -23.86 35.43 -10.08
C LEU A 245 -23.67 36.93 -9.98
N PHE A 246 -24.59 37.61 -9.31
CA PHE A 246 -24.45 39.05 -9.11
C PHE A 246 -23.22 39.37 -8.28
N MET A 247 -22.93 38.53 -7.29
CA MET A 247 -21.70 38.68 -6.52
C MET A 247 -20.48 38.49 -7.40
N VAL A 248 -20.56 37.55 -8.34
CA VAL A 248 -19.45 37.34 -9.29
C VAL A 248 -19.22 38.59 -10.12
N LYS A 249 -20.30 39.20 -10.61
CA LYS A 249 -20.15 40.45 -11.37
C LYS A 249 -19.60 41.56 -10.48
N ASP A 250 -20.05 41.64 -9.23
CA ASP A 250 -19.55 42.67 -8.32
C ASP A 250 -18.06 42.53 -8.09
N ALA A 251 -17.58 41.29 -7.93
CA ALA A 251 -16.15 41.06 -7.82
C ALA A 251 -15.43 41.43 -9.10
N GLY A 252 -16.07 41.22 -10.25
CA GLY A 252 -15.48 41.47 -11.55
C GLY A 252 -14.86 40.26 -12.21
N LEU A 253 -14.92 39.10 -11.57
CA LEU A 253 -14.45 37.86 -12.20
C LEU A 253 -15.34 37.50 -13.37
N THR A 254 -14.73 37.04 -14.45
CA THR A 254 -15.52 36.59 -15.61
C THR A 254 -16.04 35.19 -15.34
N PRO A 255 -17.35 34.95 -15.46
CA PRO A 255 -17.91 33.65 -15.10
C PRO A 255 -17.30 32.54 -15.95
N ASP A 256 -16.90 31.47 -15.29
CA ASP A 256 -16.28 30.32 -15.94
C ASP A 256 -17.29 29.24 -16.33
N LEU A 257 -16.73 28.17 -16.88
CA LEU A 257 -17.52 27.03 -17.33
C LEU A 257 -18.33 26.44 -16.18
N LEU A 258 -17.74 26.41 -14.98
CA LEU A 258 -18.47 25.92 -13.81
C LEU A 258 -19.69 26.79 -13.53
N SER A 259 -19.50 28.11 -13.58
CA SER A 259 -20.61 29.03 -13.32
C SER A 259 -21.74 28.80 -14.30
N TYR A 260 -21.42 28.63 -15.58
CA TYR A 260 -22.49 28.48 -16.56
C TYR A 260 -23.14 27.10 -16.48
N ALA A 261 -22.34 26.04 -16.32
CA ALA A 261 -22.92 24.72 -16.12
C ALA A 261 -23.86 24.70 -14.92
N ALA A 262 -23.55 25.48 -13.88
CA ALA A 262 -24.39 25.48 -12.68
C ALA A 262 -25.66 26.27 -12.93
N ALA A 263 -25.55 27.41 -13.63
CA ALA A 263 -26.75 28.18 -13.94
C ALA A 263 -27.70 27.36 -14.81
N LEU A 264 -27.15 26.66 -15.80
CA LEU A 264 -27.98 25.81 -16.65
C LEU A 264 -28.62 24.67 -15.85
N GLN A 265 -27.86 24.05 -14.95
CA GLN A 265 -28.44 22.96 -14.17
C GLN A 265 -29.57 23.46 -13.28
N CYS A 266 -29.40 24.62 -12.66
CA CYS A 266 -30.48 25.17 -11.85
C CYS A 266 -31.70 25.48 -12.70
N MET A 267 -31.47 25.99 -13.92
CA MET A 267 -32.58 26.26 -14.81
C MET A 267 -33.33 24.98 -15.14
N GLY A 268 -32.59 23.88 -15.35
CA GLY A 268 -33.22 22.59 -15.53
C GLY A 268 -33.98 22.13 -14.30
N ARG A 269 -33.42 22.37 -13.12
CA ARG A 269 -34.07 21.97 -11.88
C ARG A 269 -35.42 22.66 -11.72
N GLN A 270 -35.49 23.93 -12.09
CA GLN A 270 -36.70 24.71 -11.91
C GLN A 270 -37.58 24.75 -13.16
N ASP A 271 -37.16 24.08 -14.24
CA ASP A 271 -37.92 24.07 -15.50
C ASP A 271 -38.29 25.49 -15.92
N GLN A 272 -37.30 26.37 -15.88
CA GLN A 272 -37.52 27.76 -16.21
C GLN A 272 -37.83 27.92 -17.70
N ASP A 273 -38.42 29.06 -18.04
CA ASP A 273 -38.85 29.28 -19.42
C ASP A 273 -37.65 29.25 -20.36
N ALA A 274 -37.93 28.85 -21.61
CA ALA A 274 -36.87 28.68 -22.60
C ALA A 274 -36.10 29.98 -22.83
N GLY A 275 -36.76 31.13 -22.72
CA GLY A 275 -36.11 32.40 -22.99
C GLY A 275 -34.92 32.67 -22.08
N THR A 276 -35.09 32.39 -20.78
CA THR A 276 -33.98 32.57 -19.84
C THR A 276 -32.81 31.64 -20.17
N ILE A 277 -33.09 30.39 -20.53
CA ILE A 277 -32.02 29.47 -20.90
C ILE A 277 -31.31 29.98 -22.15
N GLU A 278 -32.07 30.50 -23.12
CA GLU A 278 -31.47 31.06 -24.32
C GLU A 278 -30.59 32.26 -23.97
N ARG A 279 -31.02 33.05 -22.99
CA ARG A 279 -30.21 34.21 -22.59
C ARG A 279 -28.96 33.76 -21.85
N CYS A 280 -29.03 32.64 -21.14
CA CYS A 280 -27.85 32.12 -20.47
C CYS A 280 -26.87 31.54 -21.48
N LEU A 281 -27.39 30.94 -22.56
CA LEU A 281 -26.49 30.45 -23.61
C LEU A 281 -25.95 31.58 -24.45
N GLU A 282 -26.65 32.73 -24.49
CA GLU A 282 -26.11 33.90 -25.17
C GLU A 282 -25.02 34.55 -24.32
N GLN A 283 -25.18 34.53 -23.00
CA GLN A 283 -24.12 35.01 -22.12
C GLN A 283 -22.92 34.08 -22.21
N MET A 284 -23.18 32.80 -22.38
CA MET A 284 -22.10 31.85 -22.59
C MET A 284 -21.51 32.05 -23.98
N SER A 285 -20.29 31.59 -24.15
CA SER A 285 -19.46 31.70 -25.35
C SER A 285 -19.00 33.14 -25.51
N GLN A 286 -19.88 34.12 -25.31
CA GLN A 286 -19.41 35.50 -25.30
C GLN A 286 -18.54 35.73 -24.08
N GLU A 287 -18.92 35.16 -22.93
CA GLU A 287 -18.09 35.25 -21.74
C GLU A 287 -18.23 33.97 -20.91
N GLY A 288 -18.22 32.82 -21.58
CA GLY A 288 -18.37 31.55 -20.89
C GLY A 288 -17.81 30.36 -21.64
N LEU A 289 -17.13 30.63 -22.76
CA LEU A 289 -16.51 29.60 -23.59
C LEU A 289 -17.57 28.71 -24.23
N LYS A 290 -17.14 27.71 -24.99
CA LYS A 290 -18.07 26.86 -25.71
C LYS A 290 -18.80 25.92 -24.74
N LEU A 291 -20.02 25.51 -25.15
CA LEU A 291 -20.76 24.55 -24.35
C LEU A 291 -20.16 23.16 -24.43
N GLN A 292 -19.54 22.84 -25.57
CA GLN A 292 -18.84 21.56 -25.70
C GLN A 292 -17.72 21.46 -24.69
N ALA A 293 -16.95 22.54 -24.54
CA ALA A 293 -15.86 22.55 -23.56
C ALA A 293 -16.40 22.40 -22.15
N LEU A 294 -17.53 23.07 -21.87
CA LEU A 294 -18.14 22.96 -20.54
C LEU A 294 -18.56 21.53 -20.23
N PHE A 295 -19.14 20.85 -21.21
CA PHE A 295 -19.53 19.46 -21.00
C PHE A 295 -18.29 18.56 -20.84
N THR A 296 -17.28 18.74 -21.70
CA THR A 296 -16.11 17.85 -21.67
C THR A 296 -15.31 18.04 -20.38
N ALA A 297 -15.05 19.28 -20.00
CA ALA A 297 -14.32 19.59 -18.78
C ALA A 297 -15.33 19.83 -17.66
N VAL A 298 -14.87 20.41 -16.55
CA VAL A 298 -15.73 20.79 -15.44
C VAL A 298 -16.55 19.60 -14.99
N LEU A 299 -15.87 18.49 -14.70
CA LEU A 299 -16.55 17.25 -14.35
C LEU A 299 -17.48 17.45 -13.15
N LEU A 300 -18.71 16.97 -13.28
CA LEU A 300 -19.74 17.18 -12.28
C LEU A 300 -20.54 15.89 -12.11
N SER A 301 -21.37 15.86 -11.08
CA SER A 301 -22.21 14.71 -10.81
C SER A 301 -23.18 14.48 -11.97
N GLU A 302 -23.59 13.22 -12.14
CA GLU A 302 -24.46 12.87 -13.26
C GLU A 302 -25.78 13.63 -13.21
N GLU A 303 -26.29 13.92 -12.01
CA GLU A 303 -27.46 14.79 -11.90
C GLU A 303 -27.17 16.18 -12.41
N ASP A 304 -26.00 16.73 -12.07
CA ASP A 304 -25.63 18.05 -12.55
C ASP A 304 -25.55 18.09 -14.07
N ARG A 305 -24.91 17.07 -14.66
CA ARG A 305 -24.80 16.99 -16.10
C ARG A 305 -26.16 16.85 -16.76
N ALA A 306 -27.04 16.01 -16.17
CA ALA A 306 -28.36 15.80 -16.74
C ALA A 306 -29.18 17.08 -16.70
N THR A 307 -29.14 17.82 -15.59
CA THR A 307 -29.89 19.06 -15.50
C THR A 307 -29.37 20.10 -16.49
N VAL A 308 -28.04 20.19 -16.64
CA VAL A 308 -27.48 21.12 -17.62
C VAL A 308 -27.90 20.73 -19.03
N LEU A 309 -27.91 19.43 -19.31
CA LEU A 309 -28.29 18.96 -20.63
C LEU A 309 -29.77 19.22 -20.91
N LYS A 310 -30.61 19.06 -19.88
CA LYS A 310 -32.03 19.37 -20.04
C LYS A 310 -32.24 20.85 -20.35
N ALA A 311 -31.49 21.71 -19.66
CA ALA A 311 -31.57 23.14 -19.99
C ALA A 311 -31.12 23.42 -21.41
N VAL A 312 -30.03 22.78 -21.84
CA VAL A 312 -29.54 22.99 -23.21
C VAL A 312 -30.56 22.49 -24.22
N HIS A 313 -31.20 21.35 -23.93
CA HIS A 313 -32.24 20.83 -24.82
C HIS A 313 -33.42 21.79 -24.90
N LYS A 314 -33.82 22.37 -23.77
CA LYS A 314 -34.90 23.36 -23.80
C LYS A 314 -34.51 24.57 -24.64
N VAL A 315 -33.26 25.02 -24.52
CA VAL A 315 -32.77 26.16 -25.28
C VAL A 315 -32.61 25.75 -26.74
N LYS A 316 -32.47 26.74 -27.61
CA LYS A 316 -32.41 26.46 -29.06
C LYS A 316 -31.25 25.53 -29.44
N PRO A 317 -30.07 25.63 -28.84
CA PRO A 317 -28.96 24.78 -29.27
C PRO A 317 -29.20 23.31 -28.95
N THR A 318 -28.62 22.44 -29.78
CA THR A 318 -28.76 21.00 -29.64
C THR A 318 -27.72 20.38 -28.72
N PHE A 319 -26.75 21.18 -28.25
CA PHE A 319 -25.68 20.81 -27.33
C PHE A 319 -24.59 19.95 -27.97
N SER A 320 -24.92 19.20 -29.01
CA SER A 320 -23.96 18.36 -29.75
C SER A 320 -23.08 17.54 -28.80
N LEU A 321 -23.70 16.63 -28.07
CA LEU A 321 -22.99 15.81 -27.10
C LEU A 321 -21.83 15.04 -27.76
N PRO A 322 -20.60 15.20 -27.27
CA PRO A 322 -19.46 14.46 -27.86
C PRO A 322 -19.62 12.97 -27.72
N PRO A 323 -19.27 12.20 -28.75
CA PRO A 323 -19.34 10.74 -28.65
C PRO A 323 -18.25 10.18 -27.74
N GLN A 324 -18.47 8.94 -27.30
CA GLN A 324 -17.52 8.27 -26.43
C GLN A 324 -16.38 7.65 -27.24
N LEU A 325 -15.18 7.67 -26.66
CA LEU A 325 -13.99 7.13 -27.29
C LEU A 325 -13.36 6.07 -26.40
N PRO A 326 -12.80 5.00 -26.99
CA PRO A 326 -12.21 3.92 -26.18
C PRO A 326 -11.05 4.42 -25.36
N PRO A 327 -10.87 3.90 -24.15
CA PRO A 327 -9.79 4.37 -23.28
C PRO A 327 -8.42 4.10 -23.89
N PRO A 328 -7.48 5.02 -23.73
CA PRO A 328 -6.15 4.84 -24.35
C PRO A 328 -5.42 3.63 -23.77
N VAL A 329 -4.71 2.93 -24.63
CA VAL A 329 -3.96 1.73 -24.26
C VAL A 329 -2.47 2.02 -24.43
N ASN A 330 -1.69 1.67 -23.42
CA ASN A 330 -0.25 1.94 -23.43
C ASN A 330 0.43 1.17 -24.56
N THR A 331 1.32 1.85 -25.27
CA THR A 331 2.04 1.28 -26.40
C THR A 331 3.51 0.98 -26.09
N SER A 332 3.91 1.04 -24.82
CA SER A 332 5.30 0.81 -24.46
C SER A 332 5.73 -0.61 -24.81
N LYS A 333 6.99 -0.75 -25.23
CA LYS A 333 7.49 -2.05 -25.67
C LYS A 333 7.44 -3.08 -24.55
N LEU A 334 7.80 -2.69 -23.33
CA LEU A 334 7.76 -3.61 -22.21
C LEU A 334 6.34 -4.07 -21.92
N LEU A 335 5.38 -3.15 -22.01
CA LEU A 335 3.98 -3.44 -21.70
C LEU A 335 3.18 -3.84 -22.93
N ARG A 336 3.84 -3.92 -24.10
CA ARG A 336 3.13 -4.22 -25.34
C ARG A 336 2.48 -5.60 -25.29
N ASP A 337 3.19 -6.60 -24.77
CA ASP A 337 2.62 -7.93 -24.69
C ASP A 337 1.41 -7.96 -23.77
N VAL A 338 1.51 -7.27 -22.62
CA VAL A 338 0.41 -7.27 -21.67
C VAL A 338 -0.82 -6.57 -22.24
N TYR A 339 -0.63 -5.46 -22.93
CA TYR A 339 -1.75 -4.66 -23.42
C TYR A 339 -2.09 -4.93 -24.88
N ALA A 340 -1.49 -5.94 -25.49
CA ALA A 340 -1.84 -6.29 -26.86
C ALA A 340 -3.26 -6.86 -26.91
N LYS A 341 -3.87 -6.75 -28.09
CA LYS A 341 -5.23 -7.22 -28.30
C LYS A 341 -5.28 -8.67 -28.75
N ASP A 342 -4.14 -9.37 -28.75
CA ASP A 342 -4.10 -10.75 -29.17
C ASP A 342 -4.96 -11.62 -28.27
N GLY A 343 -5.66 -12.58 -28.88
CA GLY A 343 -6.58 -13.43 -28.15
C GLY A 343 -5.99 -14.63 -27.45
N ARG A 344 -4.69 -14.90 -27.61
CA ARG A 344 -4.08 -16.08 -26.99
C ARG A 344 -3.69 -15.75 -25.54
N VAL A 345 -4.72 -15.66 -24.70
CA VAL A 345 -4.55 -15.35 -23.28
C VAL A 345 -5.46 -16.28 -22.48
N SER A 346 -5.02 -16.63 -21.26
CA SER A 346 -5.80 -17.48 -20.35
C SER A 346 -5.81 -16.82 -18.96
N TYR A 347 -6.65 -15.79 -18.82
CA TYR A 347 -6.75 -15.09 -17.54
C TYR A 347 -7.39 -16.00 -16.49
N PRO A 348 -6.85 -16.01 -15.27
CA PRO A 348 -7.38 -16.92 -14.24
C PRO A 348 -8.73 -16.45 -13.70
N LYS A 349 -9.55 -17.43 -13.31
CA LYS A 349 -10.84 -17.18 -12.68
C LYS A 349 -10.90 -17.89 -11.33
N LEU A 350 -11.37 -17.17 -10.32
CA LEU A 350 -11.45 -17.73 -8.97
C LEU A 350 -12.47 -18.87 -8.89
N HIS A 351 -12.15 -19.86 -8.05
CA HIS A 351 -12.98 -21.06 -7.94
C HIS A 351 -14.37 -20.74 -7.40
N LEU A 352 -14.47 -19.78 -6.48
CA LEU A 352 -15.72 -19.53 -5.77
C LEU A 352 -16.83 -19.14 -6.74
N PRO A 353 -18.05 -19.65 -6.55
CA PRO A 353 -19.15 -19.33 -7.46
C PRO A 353 -19.60 -17.89 -7.32
N LEU A 354 -20.30 -17.42 -8.37
CA LEU A 354 -20.74 -16.03 -8.42
C LEU A 354 -21.71 -15.72 -7.27
N LYS A 355 -22.64 -16.62 -6.99
CA LYS A 355 -23.60 -16.37 -5.91
C LYS A 355 -22.90 -16.29 -4.56
N THR A 356 -21.94 -17.19 -4.31
CA THR A 356 -21.17 -17.12 -3.07
C THR A 356 -20.38 -15.82 -3.00
N LEU A 357 -19.83 -15.39 -4.13
CA LEU A 357 -19.11 -14.11 -4.17
C LEU A 357 -20.05 -12.96 -3.86
N GLN A 358 -21.29 -13.03 -4.34
CA GLN A 358 -22.28 -11.98 -4.05
C GLN A 358 -22.61 -11.95 -2.56
N CYS A 359 -22.77 -13.12 -1.93
CA CYS A 359 -23.02 -13.15 -0.49
C CYS A 359 -21.83 -12.58 0.28
N LEU A 360 -20.61 -12.93 -0.15
CA LEU A 360 -19.41 -12.38 0.46
C LEU A 360 -19.36 -10.87 0.28
N PHE A 361 -19.79 -10.39 -0.89
CA PHE A 361 -19.88 -8.96 -1.15
C PHE A 361 -20.85 -8.29 -0.19
N GLU A 362 -22.00 -8.92 0.06
CA GLU A 362 -22.96 -8.33 1.00
C GLU A 362 -22.37 -8.27 2.42
N LYS A 363 -21.66 -9.32 2.82
CA LYS A 363 -21.02 -9.31 4.13
C LYS A 363 -19.97 -8.20 4.22
N GLN A 364 -19.16 -8.05 3.16
CA GLN A 364 -18.18 -6.97 3.13
C GLN A 364 -18.87 -5.61 3.14
N LEU A 365 -20.00 -5.48 2.45
CA LEU A 365 -20.70 -4.21 2.40
C LEU A 365 -21.20 -3.82 3.78
N HIS A 366 -21.72 -4.78 4.55
CA HIS A 366 -22.11 -4.47 5.92
C HIS A 366 -20.89 -4.10 6.76
N MET A 367 -19.77 -4.78 6.52
CA MET A 367 -18.55 -4.46 7.23
C MET A 367 -18.14 -3.02 6.95
N GLU A 368 -18.15 -2.62 5.68
CA GLU A 368 -17.79 -1.25 5.33
C GLU A 368 -18.79 -0.26 5.94
N LEU A 369 -20.06 -0.65 5.96
CA LEU A 369 -21.11 0.20 6.55
C LEU A 369 -20.77 0.56 7.98
N ALA A 370 -20.38 -0.44 8.78
CA ALA A 370 -20.11 -0.18 10.19
C ALA A 370 -18.67 0.25 10.46
N SER A 371 -17.73 -0.08 9.58
CA SER A 371 -16.30 0.22 9.75
C SER A 371 -15.78 -0.33 11.09
N ARG A 372 -16.35 -1.44 11.54
CA ARG A 372 -15.98 -2.01 12.83
C ARG A 372 -16.49 -3.44 12.90
N VAL A 373 -15.60 -4.38 13.21
CA VAL A 373 -15.94 -5.80 13.27
C VAL A 373 -15.39 -6.40 14.55
N CYS A 374 -16.26 -6.95 15.38
CA CYS A 374 -15.86 -7.56 16.64
C CYS A 374 -15.20 -8.91 16.37
N VAL A 375 -13.99 -9.12 16.89
CA VAL A 375 -13.23 -10.34 16.66
C VAL A 375 -12.86 -10.94 18.01
N VAL A 376 -13.17 -12.24 18.19
CA VAL A 376 -12.93 -12.90 19.46
C VAL A 376 -11.43 -13.01 19.73
N SER A 377 -11.05 -12.77 20.98
CA SER A 377 -9.64 -12.91 21.36
C SER A 377 -9.28 -14.38 21.48
N VAL A 378 -8.04 -14.70 21.09
CA VAL A 378 -7.53 -16.06 21.22
C VAL A 378 -6.82 -16.30 22.54
N GLU A 379 -6.66 -15.27 23.37
CA GLU A 379 -6.08 -15.45 24.69
C GLU A 379 -6.99 -16.33 25.54
N LYS A 380 -6.39 -17.16 26.38
CA LYS A 380 -7.19 -18.08 27.18
C LYS A 380 -8.13 -17.30 28.09
N PRO A 381 -9.41 -17.65 28.15
CA PRO A 381 -10.35 -16.88 28.96
C PRO A 381 -10.00 -16.94 30.44
N THR A 382 -10.07 -15.81 31.10
CA THR A 382 -9.82 -15.77 32.54
C THR A 382 -10.95 -16.46 33.29
N LEU A 383 -10.60 -17.09 34.40
CA LEU A 383 -11.60 -17.72 35.24
C LEU A 383 -12.54 -16.64 35.78
N PRO A 384 -13.85 -16.85 35.72
CA PRO A 384 -14.77 -15.85 36.28
C PRO A 384 -14.56 -15.70 37.78
N SER A 385 -14.41 -14.45 38.22
CA SER A 385 -14.12 -14.15 39.61
C SER A 385 -14.68 -12.78 39.95
N LYS A 386 -14.80 -12.51 41.25
CA LYS A 386 -15.37 -11.26 41.69
C LYS A 386 -14.55 -10.07 41.22
N GLU A 387 -13.22 -10.16 41.29
CA GLU A 387 -12.39 -9.06 40.82
C GLU A 387 -12.53 -8.85 39.31
N VAL A 388 -12.54 -9.93 38.53
CA VAL A 388 -12.71 -9.82 37.09
C VAL A 388 -14.09 -9.25 36.76
N LYS A 389 -15.13 -9.77 37.42
CA LYS A 389 -16.47 -9.27 37.18
C LYS A 389 -16.61 -7.82 37.63
N HIS A 390 -15.97 -7.46 38.75
CA HIS A 390 -15.99 -6.08 39.20
C HIS A 390 -15.32 -5.17 38.18
N ALA A 391 -14.19 -5.62 37.62
CA ALA A 391 -13.51 -4.84 36.59
C ALA A 391 -14.40 -4.67 35.36
N ARG A 392 -15.09 -5.73 34.95
CA ARG A 392 -15.99 -5.63 33.80
C ARG A 392 -17.14 -4.66 34.08
N ALA A 393 -17.74 -4.74 35.27
CA ALA A 393 -18.86 -3.86 35.60
C ALA A 393 -18.41 -2.40 35.66
N THR A 394 -17.25 -2.15 36.28
CA THR A 394 -16.70 -0.80 36.32
C THR A 394 -16.41 -0.30 34.92
N LEU A 395 -15.86 -1.17 34.07
CA LEU A 395 -15.57 -0.78 32.70
C LEU A 395 -16.84 -0.44 31.93
N ALA A 396 -17.90 -1.22 32.11
CA ALA A 396 -19.15 -0.94 31.42
C ALA A 396 -19.75 0.39 31.86
N THR A 397 -19.75 0.64 33.18
CA THR A 397 -20.24 1.93 33.67
C THR A 397 -19.38 3.08 33.14
N LEU A 398 -18.06 2.86 33.10
CA LEU A 398 -17.15 3.88 32.58
C LEU A 398 -17.43 4.17 31.11
N ARG A 399 -17.68 3.12 30.33
CA ARG A 399 -17.97 3.30 28.91
C ARG A 399 -19.28 4.08 28.73
N ASP A 400 -20.29 3.78 29.54
CA ASP A 400 -21.54 4.54 29.45
C ASP A 400 -21.31 6.02 29.78
N GLN A 401 -20.54 6.29 30.84
CA GLN A 401 -20.24 7.67 31.21
C GLN A 401 -19.45 8.37 30.11
N TRP A 402 -18.49 7.66 29.50
CA TRP A 402 -17.71 8.22 28.41
C TRP A 402 -18.61 8.56 27.22
N GLU A 403 -19.56 7.66 26.92
CA GLU A 403 -20.47 7.89 25.81
C GLU A 403 -21.30 9.15 26.04
N LYS A 404 -21.84 9.30 27.25
CA LYS A 404 -22.66 10.47 27.54
C LYS A 404 -21.83 11.75 27.50
N ALA A 405 -20.64 11.73 28.10
CA ALA A 405 -19.80 12.92 28.12
C ALA A 405 -19.36 13.30 26.72
N LEU A 406 -19.01 12.32 25.89
CA LEU A 406 -18.61 12.59 24.52
C LEU A 406 -19.76 13.18 23.71
N CYS A 407 -20.98 12.67 23.91
CA CYS A 407 -22.13 13.24 23.20
C CYS A 407 -22.34 14.70 23.61
N ARG A 408 -22.25 14.99 24.91
CA ARG A 408 -22.39 16.37 25.37
C ARG A 408 -21.31 17.26 24.79
N ALA A 409 -20.07 16.77 24.75
CA ALA A 409 -18.97 17.55 24.18
C ALA A 409 -19.20 17.80 22.71
N LEU A 410 -19.69 16.80 21.98
CA LEU A 410 -19.95 16.97 20.55
C LEU A 410 -21.02 18.03 20.31
N ARG A 411 -22.08 18.01 21.12
CA ARG A 411 -23.10 19.04 20.97
C ARG A 411 -22.53 20.43 21.26
N GLU A 412 -21.74 20.56 22.32
CA GLU A 412 -21.20 21.87 22.67
C GLU A 412 -20.26 22.39 21.58
N THR A 413 -19.37 21.52 21.09
CA THR A 413 -18.43 21.93 20.05
C THR A 413 -19.16 22.29 18.76
N LYS A 414 -20.18 21.50 18.39
CA LYS A 414 -20.92 21.80 17.18
C LYS A 414 -21.62 23.15 17.28
N ASN A 415 -22.23 23.43 18.44
CA ASN A 415 -22.90 24.72 18.60
C ASN A 415 -21.91 25.88 18.53
N ARG A 416 -20.75 25.73 19.18
CA ARG A 416 -19.76 26.81 19.15
C ARG A 416 -19.25 27.04 17.73
N LEU A 417 -18.96 25.95 16.99
CA LEU A 417 -18.49 26.10 15.63
C LEU A 417 -19.54 26.74 14.73
N GLU A 418 -20.80 26.36 14.92
CA GLU A 418 -21.91 26.95 14.15
C GLU A 418 -22.04 28.45 14.44
N ARG A 419 -21.90 28.84 15.71
CA ARG A 419 -21.94 30.26 16.05
C ARG A 419 -20.78 30.99 15.40
N GLU A 420 -19.60 30.37 15.37
CA GLU A 420 -18.47 30.99 14.68
C GLU A 420 -18.75 31.16 13.18
N VAL A 421 -19.37 30.14 12.57
CA VAL A 421 -19.64 30.21 11.13
C VAL A 421 -20.57 31.37 10.81
N TYR A 422 -21.64 31.53 11.60
CA TYR A 422 -22.50 32.68 11.37
C TYR A 422 -21.77 33.99 11.67
N GLU A 423 -20.90 34.00 12.68
CA GLU A 423 -20.15 35.21 12.99
C GLU A 423 -19.26 35.64 11.83
N GLY A 424 -18.64 34.68 11.14
CA GLY A 424 -17.81 35.01 10.00
C GLY A 424 -16.38 34.53 10.12
N ARG A 425 -16.18 33.38 10.77
CA ARG A 425 -14.86 32.79 10.95
C ARG A 425 -14.91 31.32 10.61
N PHE A 426 -13.96 30.86 9.80
CA PHE A 426 -13.92 29.48 9.34
C PHE A 426 -13.94 28.52 10.52
N SER A 427 -14.83 27.53 10.44
CA SER A 427 -14.99 26.51 11.48
C SER A 427 -15.07 25.15 10.83
N LEU A 428 -15.02 24.11 11.67
CA LEU A 428 -15.14 22.73 11.22
C LEU A 428 -16.53 22.17 11.47
N TYR A 429 -17.55 23.03 11.47
CA TYR A 429 -18.90 22.57 11.76
C TYR A 429 -19.41 21.58 10.70
N PRO A 430 -19.38 21.88 9.39
CA PRO A 430 -19.81 20.87 8.41
C PRO A 430 -18.98 19.61 8.46
N PHE A 431 -17.70 19.71 8.80
CA PHE A 431 -16.85 18.54 8.88
C PHE A 431 -17.31 17.63 10.01
N LEU A 432 -17.82 18.22 11.09
CA LEU A 432 -18.36 17.44 12.20
C LEU A 432 -19.75 16.91 11.87
N CYS A 433 -20.50 17.64 11.04
CA CYS A 433 -21.86 17.26 10.70
C CYS A 433 -21.93 16.18 9.62
N LEU A 434 -20.85 15.99 8.86
CA LEU A 434 -20.83 14.96 7.83
C LEU A 434 -21.20 13.60 8.39
N LEU A 435 -20.85 13.33 9.63
CA LEU A 435 -21.13 12.06 10.29
C LEU A 435 -22.02 12.32 11.51
N ASP A 436 -22.89 11.37 11.80
CA ASP A 436 -23.83 11.53 12.89
C ASP A 436 -23.11 11.61 14.24
N GLU A 437 -23.73 12.32 15.18
CA GLU A 437 -23.11 12.54 16.48
C GLU A 437 -22.85 11.23 17.19
N ARG A 438 -23.83 10.31 17.13
CA ARG A 438 -23.65 9.01 17.78
C ARG A 438 -22.49 8.26 17.15
N GLU A 439 -22.37 8.32 15.82
CA GLU A 439 -21.29 7.63 15.14
C GLU A 439 -19.94 8.21 15.54
N VAL A 440 -19.83 9.53 15.63
CA VAL A 440 -18.58 10.14 16.04
C VAL A 440 -18.22 9.74 17.46
N VAL A 441 -19.21 9.71 18.36
CA VAL A 441 -18.94 9.31 19.73
C VAL A 441 -18.46 7.87 19.77
N ARG A 442 -19.10 6.98 19.01
CA ARG A 442 -18.70 5.58 18.98
C ARG A 442 -17.29 5.42 18.43
N MET A 443 -16.95 6.14 17.36
CA MET A 443 -15.60 6.03 16.81
C MET A 443 -14.57 6.51 17.82
N LEU A 444 -14.87 7.60 18.53
CA LEU A 444 -13.94 8.09 19.54
C LEU A 444 -13.74 7.06 20.64
N LEU A 445 -14.83 6.41 21.08
CA LEU A 445 -14.69 5.38 22.11
C LEU A 445 -13.91 4.18 21.59
N GLN A 446 -14.05 3.89 20.30
CA GLN A 446 -13.32 2.75 19.73
C GLN A 446 -11.84 3.06 19.65
N VAL A 447 -11.50 4.33 19.37
CA VAL A 447 -10.10 4.74 19.36
C VAL A 447 -9.52 4.66 20.77
N LEU A 448 -10.29 5.12 21.76
CA LEU A 448 -9.85 5.03 23.15
C LEU A 448 -9.57 3.57 23.52
N GLN A 449 -10.47 2.67 23.13
CA GLN A 449 -10.28 1.25 23.43
C GLN A 449 -9.03 0.71 22.75
N ALA A 450 -8.91 0.95 21.44
CA ALA A 450 -7.81 0.39 20.65
C ALA A 450 -6.45 0.94 21.05
N LEU A 451 -6.38 2.12 21.65
CA LEU A 451 -5.10 2.75 21.93
C LEU A 451 -4.23 1.85 22.81
N PRO A 452 -2.99 1.58 22.43
CA PRO A 452 -2.18 0.60 23.17
C PRO A 452 -1.64 1.20 24.46
N ALA A 453 -1.13 0.31 25.32
CA ALA A 453 -0.65 0.73 26.63
C ALA A 453 0.48 1.74 26.53
N GLN A 454 1.41 1.51 25.60
CA GLN A 454 2.49 2.48 25.38
C GLN A 454 1.93 3.81 24.88
N GLY A 455 0.92 3.77 24.03
CA GLY A 455 0.32 4.96 23.46
C GLY A 455 0.77 5.19 22.04
N GLU A 456 0.19 6.23 21.44
CA GLU A 456 0.46 6.57 20.05
C GLU A 456 0.63 8.08 19.93
N SER A 457 1.36 8.50 18.90
CA SER A 457 1.63 9.92 18.71
C SER A 457 0.33 10.69 18.46
N PHE A 458 0.28 11.91 19.00
CA PHE A 458 -0.92 12.73 18.86
C PHE A 458 -1.20 13.06 17.40
N THR A 459 -0.16 13.38 16.63
CA THR A 459 -0.36 13.67 15.22
C THR A 459 -0.90 12.46 14.47
N THR A 460 -0.35 11.28 14.75
CA THR A 460 -0.84 10.06 14.12
C THR A 460 -2.29 9.79 14.52
N LEU A 461 -2.63 9.99 15.79
CA LEU A 461 -4.00 9.79 16.23
C LEU A 461 -4.96 10.77 15.54
N ALA A 462 -4.55 12.03 15.42
CA ALA A 462 -5.39 13.01 14.73
C ALA A 462 -5.59 12.63 13.27
N ARG A 463 -4.52 12.19 12.60
CA ARG A 463 -4.65 11.76 11.22
C ARG A 463 -5.60 10.57 11.12
N GLU A 464 -5.48 9.62 12.06
CA GLU A 464 -6.35 8.45 12.04
C GLU A 464 -7.81 8.85 12.22
N LEU A 465 -8.08 9.75 13.18
CA LEU A 465 -9.45 10.18 13.41
C LEU A 465 -10.02 10.91 12.21
N SER A 466 -9.23 11.79 11.59
CA SER A 466 -9.71 12.52 10.43
C SER A 466 -10.00 11.57 9.26
N ALA A 467 -9.08 10.63 9.01
CA ALA A 467 -9.28 9.67 7.93
C ALA A 467 -10.49 8.80 8.21
N ARG A 468 -10.74 8.47 9.48
CA ARG A 468 -11.88 7.62 9.81
C ARG A 468 -13.18 8.38 9.64
N THR A 469 -13.23 9.64 10.10
CA THR A 469 -14.40 10.48 9.88
C THR A 469 -14.71 10.56 8.39
N PHE A 470 -13.66 10.74 7.57
CA PHE A 470 -13.86 10.87 6.14
C PHE A 470 -14.36 9.58 5.53
N SER A 471 -13.78 8.45 5.94
CA SER A 471 -14.20 7.15 5.39
C SER A 471 -15.66 6.87 5.74
N ARG A 472 -16.02 7.04 7.01
CA ARG A 472 -17.39 6.76 7.44
C ARG A 472 -18.37 7.72 6.78
N HIS A 473 -17.96 8.97 6.54
CA HIS A 473 -18.82 9.89 5.81
C HIS A 473 -19.02 9.41 4.39
N VAL A 474 -17.94 9.03 3.70
CA VAL A 474 -18.04 8.57 2.33
C VAL A 474 -18.99 7.38 2.24
N VAL A 475 -18.88 6.46 3.20
CA VAL A 475 -19.76 5.29 3.24
C VAL A 475 -21.21 5.71 3.39
N GLN A 476 -21.47 6.64 4.32
CA GLN A 476 -22.83 7.11 4.54
C GLN A 476 -23.38 7.80 3.30
N ARG A 477 -22.56 8.63 2.66
CA ARG A 477 -23.03 9.34 1.47
C ARG A 477 -23.37 8.36 0.37
N GLN A 478 -22.54 7.33 0.18
CA GLN A 478 -22.79 6.37 -0.88
C GLN A 478 -24.11 5.63 -0.63
N ARG A 479 -24.33 5.19 0.62
CA ARG A 479 -25.55 4.46 0.90
C ARG A 479 -26.79 5.35 0.74
N VAL A 480 -26.74 6.58 1.26
CA VAL A 480 -27.91 7.44 1.17
C VAL A 480 -28.18 7.87 -0.27
N SER A 481 -27.14 8.12 -1.04
CA SER A 481 -27.28 8.64 -2.40
C SER A 481 -27.45 7.54 -3.45
N GLY A 482 -27.40 6.27 -3.06
CA GLY A 482 -27.61 5.23 -4.03
C GLY A 482 -26.38 4.83 -4.79
N GLN A 483 -25.23 5.44 -4.47
CA GLN A 483 -23.98 4.98 -5.05
C GLN A 483 -23.71 3.55 -4.64
N VAL A 484 -24.11 3.16 -3.43
CA VAL A 484 -23.99 1.78 -3.00
C VAL A 484 -24.85 0.86 -3.87
N GLN A 485 -26.07 1.28 -4.21
CA GLN A 485 -26.92 0.45 -5.08
C GLN A 485 -26.31 0.30 -6.47
N ALA A 486 -25.82 1.41 -7.03
CA ALA A 486 -25.16 1.35 -8.33
C ALA A 486 -23.90 0.49 -8.25
N LEU A 487 -23.17 0.61 -7.15
CA LEU A 487 -21.99 -0.22 -6.92
C LEU A 487 -22.37 -1.68 -6.83
N GLN A 488 -23.50 -2.00 -6.20
CA GLN A 488 -23.92 -3.40 -6.12
C GLN A 488 -24.15 -3.95 -7.52
N ASN A 489 -24.87 -3.20 -8.36
CA ASN A 489 -25.12 -3.67 -9.72
C ASN A 489 -23.81 -3.82 -10.50
N HIS A 490 -23.01 -2.75 -10.53
CA HIS A 490 -21.75 -2.78 -11.27
C HIS A 490 -20.84 -3.89 -10.80
N TYR A 491 -20.61 -3.97 -9.48
CA TYR A 491 -19.71 -4.97 -8.92
C TYR A 491 -20.23 -6.38 -9.16
N ARG A 492 -21.55 -6.57 -9.08
CA ARG A 492 -22.12 -7.87 -9.39
C ARG A 492 -21.81 -8.27 -10.83
N LYS A 493 -21.91 -7.32 -11.76
CA LYS A 493 -21.53 -7.61 -13.13
C LYS A 493 -20.04 -7.91 -13.24
N TYR A 494 -19.22 -7.15 -12.53
CA TYR A 494 -17.77 -7.34 -12.53
C TYR A 494 -17.37 -8.71 -12.00
N LEU A 495 -18.12 -9.21 -11.02
CA LEU A 495 -17.79 -10.49 -10.38
C LEU A 495 -17.79 -11.64 -11.37
N CYS A 496 -18.54 -11.51 -12.47
CA CYS A 496 -18.58 -12.58 -13.46
C CYS A 496 -17.20 -12.90 -14.00
N LEU A 497 -16.37 -11.87 -14.19
CA LEU A 497 -14.99 -12.09 -14.59
C LEU A 497 -14.21 -12.87 -13.52
N LEU A 498 -14.48 -12.59 -12.25
CA LEU A 498 -13.75 -13.17 -11.14
C LEU A 498 -14.45 -14.38 -10.53
N ALA A 499 -15.52 -14.87 -11.16
CA ALA A 499 -16.23 -16.07 -10.70
C ALA A 499 -16.15 -17.13 -11.77
N SER A 500 -15.81 -18.36 -11.36
CA SER A 500 -15.62 -19.44 -12.32
C SER A 500 -16.91 -19.78 -13.05
N ASP A 501 -18.03 -19.85 -12.31
CA ASP A 501 -19.29 -20.26 -12.92
C ASP A 501 -19.74 -19.29 -13.99
N ALA A 502 -19.65 -17.99 -13.72
CA ALA A 502 -20.00 -16.98 -14.71
C ALA A 502 -18.88 -16.80 -15.71
N GLU A 503 -19.24 -16.38 -16.92
CA GLU A 503 -18.28 -16.22 -18.01
C GLU A 503 -18.49 -14.87 -18.69
N VAL A 504 -17.39 -14.31 -19.18
CA VAL A 504 -17.37 -13.07 -19.93
C VAL A 504 -16.97 -13.40 -21.36
N PRO A 505 -17.70 -12.93 -22.38
CA PRO A 505 -17.38 -13.35 -23.75
C PRO A 505 -15.98 -12.97 -24.21
N GLU A 506 -15.53 -11.75 -23.90
CA GLU A 506 -14.18 -11.33 -24.27
C GLU A 506 -13.34 -11.13 -23.01
N PRO A 507 -12.21 -11.83 -22.90
CA PRO A 507 -11.35 -11.67 -21.71
C PRO A 507 -10.72 -10.29 -21.61
N CYS A 508 -10.73 -9.75 -20.40
CA CYS A 508 -10.12 -8.45 -20.12
C CYS A 508 -9.56 -8.44 -18.71
N LEU A 509 -8.63 -7.50 -18.50
CA LEU A 509 -8.09 -7.25 -17.18
C LEU A 509 -9.16 -6.61 -16.31
N PRO A 510 -9.04 -6.71 -14.98
CA PRO A 510 -10.11 -6.19 -14.12
C PRO A 510 -10.39 -4.71 -14.30
N ARG A 511 -9.35 -3.88 -14.45
CA ARG A 511 -9.56 -2.46 -14.66
C ARG A 511 -10.26 -2.20 -16.00
N GLN A 512 -9.87 -2.94 -17.04
CA GLN A 512 -10.52 -2.80 -18.34
C GLN A 512 -11.99 -3.21 -18.27
N TYR A 513 -12.29 -4.27 -17.52
CA TYR A 513 -13.68 -4.66 -17.30
C TYR A 513 -14.46 -3.56 -16.58
N TRP A 514 -13.90 -3.04 -15.49
CA TRP A 514 -14.60 -1.99 -14.75
C TRP A 514 -14.80 -0.75 -15.60
N GLU A 515 -13.93 -0.54 -16.59
CA GLU A 515 -14.05 0.64 -17.45
C GLU A 515 -15.05 0.39 -18.58
N GLU A 516 -15.12 -0.83 -19.08
CA GLU A 516 -16.07 -1.12 -20.15
C GLU A 516 -17.49 -1.16 -19.57
N LEU A 517 -17.63 -1.68 -18.35
CA LEU A 517 -18.92 -1.62 -17.68
C LEU A 517 -19.31 -0.18 -17.35
N GLY A 518 -18.34 0.64 -16.97
CA GLY A 518 -18.62 2.04 -16.72
C GLY A 518 -18.35 2.45 -15.29
N ALA A 519 -17.10 2.82 -15.02
CA ALA A 519 -16.69 3.22 -13.68
C ALA A 519 -17.56 4.36 -13.15
N PRO A 520 -18.21 4.21 -12.01
CA PRO A 520 -19.00 5.31 -11.43
C PRO A 520 -18.13 6.15 -10.48
N GLU A 521 -17.35 7.04 -11.09
CA GLU A 521 -16.41 7.85 -10.32
C GLU A 521 -17.15 8.75 -9.35
N ALA A 522 -16.81 8.64 -8.07
CA ALA A 522 -17.36 9.50 -7.04
C ALA A 522 -16.53 10.76 -6.89
N LEU A 523 -17.20 11.90 -6.72
CA LEU A 523 -16.48 13.15 -6.55
C LEU A 523 -15.79 13.20 -5.20
N ARG A 524 -16.47 12.76 -4.15
CA ARG A 524 -15.92 12.80 -2.80
C ARG A 524 -14.63 12.00 -2.66
N GLU A 525 -14.29 11.14 -3.63
CA GLU A 525 -13.11 10.29 -3.52
C GLU A 525 -11.86 11.07 -3.16
N GLN A 526 -11.79 12.34 -3.56
CA GLN A 526 -10.61 13.15 -3.30
C GLN A 526 -10.65 13.66 -1.86
N PRO A 527 -9.55 13.56 -1.12
CA PRO A 527 -9.57 13.90 0.31
C PRO A 527 -9.45 15.40 0.54
N TRP A 528 -9.67 15.79 1.80
CA TRP A 528 -9.52 17.17 2.22
C TRP A 528 -8.05 17.57 2.22
N PRO A 529 -7.77 18.88 2.19
CA PRO A 529 -6.38 19.32 2.35
C PRO A 529 -5.81 18.93 3.70
N LEU A 530 -4.49 18.72 3.72
CA LEU A 530 -3.83 18.24 4.93
C LEU A 530 -4.02 19.14 6.14
N PRO A 531 -3.92 20.47 6.05
CA PRO A 531 -4.21 21.30 7.22
C PRO A 531 -5.61 21.07 7.79
N VAL A 532 -6.63 21.06 6.93
CA VAL A 532 -8.00 20.85 7.40
C VAL A 532 -8.14 19.49 8.07
N GLN A 533 -7.52 18.46 7.47
CA GLN A 533 -7.59 17.12 8.04
C GLN A 533 -6.95 17.10 9.43
N MET A 534 -5.78 17.75 9.56
CA MET A 534 -5.11 17.78 10.86
C MET A 534 -5.95 18.52 11.88
N GLU A 535 -6.57 19.64 11.48
CA GLU A 535 -7.37 20.41 12.42
C GLU A 535 -8.55 19.57 12.93
N LEU A 536 -9.20 18.84 12.02
CA LEU A 536 -10.35 18.03 12.42
C LEU A 536 -9.93 16.92 13.38
N GLY A 537 -8.86 16.19 13.01
CA GLY A 537 -8.40 15.10 13.86
C GLY A 537 -7.98 15.60 15.23
N LYS A 538 -7.28 16.74 15.28
CA LYS A 538 -6.84 17.28 16.55
C LYS A 538 -8.04 17.67 17.41
N LEU A 539 -9.07 18.27 16.80
CA LEU A 539 -10.24 18.65 17.58
C LEU A 539 -10.94 17.42 18.16
N LEU A 540 -11.08 16.36 17.37
CA LEU A 540 -11.70 15.15 17.88
C LEU A 540 -10.89 14.53 19.00
N ALA A 541 -9.56 14.48 18.84
CA ALA A 541 -8.72 13.93 19.89
C ALA A 541 -8.83 14.75 21.18
N GLU A 542 -8.87 16.07 21.05
CA GLU A 542 -9.02 16.93 22.23
C GLU A 542 -10.35 16.65 22.92
N MET A 543 -11.42 16.46 22.13
CA MET A 543 -12.71 16.15 22.71
C MET A 543 -12.64 14.84 23.49
N LEU A 544 -12.00 13.82 22.93
CA LEU A 544 -11.91 12.53 23.62
C LEU A 544 -11.14 12.68 24.93
N VAL A 545 -9.99 13.36 24.89
CA VAL A 545 -9.14 13.47 26.08
C VAL A 545 -9.87 14.22 27.17
N GLN A 546 -10.51 15.35 26.82
CA GLN A 546 -11.17 16.14 27.84
C GLN A 546 -12.41 15.43 28.38
N ALA A 547 -13.22 14.83 27.50
CA ALA A 547 -14.48 14.23 27.92
C ALA A 547 -14.26 13.01 28.81
N THR A 548 -13.31 12.14 28.48
CA THR A 548 -13.19 10.89 29.23
C THR A 548 -12.59 11.13 30.60
N GLN A 549 -13.28 10.64 31.64
CA GLN A 549 -12.84 10.74 33.03
C GLN A 549 -12.91 9.36 33.68
N MET A 550 -11.85 8.98 34.39
CA MET A 550 -11.77 7.69 35.05
C MET A 550 -11.54 7.86 36.55
N PRO A 551 -12.31 7.18 37.40
CA PRO A 551 -12.03 7.22 38.84
C PRO A 551 -10.66 6.64 39.15
N CYS A 552 -9.93 7.29 40.04
CA CYS A 552 -8.57 6.87 40.38
C CYS A 552 -8.56 6.03 41.65
N VAL A 564 -7.18 12.04 36.97
CA VAL A 564 -8.51 11.53 36.65
C VAL A 564 -8.76 11.20 35.15
N PRO A 565 -8.40 12.06 34.20
CA PRO A 565 -8.75 11.77 32.80
C PRO A 565 -8.13 10.45 32.34
N VAL A 566 -8.90 9.71 31.54
CA VAL A 566 -8.43 8.40 31.07
C VAL A 566 -7.19 8.57 30.20
N LEU A 567 -7.19 9.59 29.35
CA LEU A 567 -6.11 9.82 28.40
C LEU A 567 -5.27 11.00 28.85
N TYR A 568 -3.95 10.83 28.82
CA TYR A 568 -3.02 11.85 29.28
C TYR A 568 -2.16 12.33 28.12
N HIS A 569 -2.04 13.64 27.99
CA HIS A 569 -1.25 14.24 26.91
C HIS A 569 -0.03 14.96 27.48
N ILE A 581 1.34 11.85 21.88
CA ILE A 581 2.00 11.03 22.90
C ILE A 581 0.98 10.70 23.98
N LEU A 582 -0.25 10.39 23.54
CA LEU A 582 -1.32 10.09 24.48
C LEU A 582 -1.01 8.81 25.24
N LYS A 583 -1.26 8.83 26.54
CA LYS A 583 -0.92 7.72 27.43
C LYS A 583 -2.18 7.20 28.11
N PRO A 584 -2.53 5.92 27.96
CA PRO A 584 -3.66 5.37 28.71
C PRO A 584 -3.38 5.38 30.20
N HIS A 585 -4.43 5.62 30.98
CA HIS A 585 -4.28 5.65 32.42
C HIS A 585 -3.86 4.27 32.93
N PRO A 586 -2.90 4.21 33.86
CA PRO A 586 -2.41 2.89 34.32
C PRO A 586 -3.51 2.04 34.94
N ALA A 587 -4.40 2.65 35.72
CA ALA A 587 -5.53 1.91 36.26
C ALA A 587 -6.42 1.41 35.14
N TYR A 588 -6.58 2.20 34.08
CA TYR A 588 -7.41 1.75 32.96
C TYR A 588 -6.80 0.53 32.29
N VAL A 589 -5.48 0.53 32.10
CA VAL A 589 -4.83 -0.63 31.51
C VAL A 589 -4.98 -1.85 32.42
N GLN A 590 -4.83 -1.66 33.73
CA GLN A 590 -5.01 -2.75 34.67
C GLN A 590 -6.45 -3.29 34.62
N LEU A 591 -7.42 -2.39 34.52
CA LEU A 591 -8.82 -2.81 34.41
C LEU A 591 -9.06 -3.62 33.15
N LEU A 592 -8.48 -3.19 32.03
CA LEU A 592 -8.62 -3.96 30.79
C LEU A 592 -7.99 -5.34 30.95
N GLU A 593 -6.81 -5.41 31.57
CA GLU A 593 -6.15 -6.70 31.77
C GLU A 593 -6.97 -7.62 32.64
N LYS A 594 -7.54 -7.09 33.72
CA LYS A 594 -8.39 -7.90 34.58
C LYS A 594 -9.67 -8.34 33.86
N ALA A 595 -10.28 -7.44 33.09
CA ALA A 595 -11.52 -7.77 32.40
C ALA A 595 -11.32 -8.87 31.38
N ALA A 596 -10.23 -8.79 30.61
CA ALA A 596 -9.92 -9.78 29.58
C ALA A 596 -11.10 -9.99 28.64
N GLU A 597 -11.55 -8.90 28.02
CA GLU A 597 -12.74 -8.93 27.19
C GLU A 597 -12.59 -9.95 26.06
N PRO A 598 -13.59 -10.79 25.83
CA PRO A 598 -13.45 -11.84 24.79
C PRO A 598 -13.30 -11.29 23.38
N THR A 599 -13.99 -10.22 23.04
CA THR A 599 -14.02 -9.71 21.67
C THR A 599 -13.23 -8.40 21.58
N LEU A 600 -12.44 -8.28 20.51
CA LEU A 600 -11.63 -7.09 20.25
C LEU A 600 -12.04 -6.52 18.90
N THR A 601 -12.56 -5.30 18.92
CA THR A 601 -13.09 -4.65 17.73
C THR A 601 -11.95 -4.09 16.87
N PHE A 602 -11.91 -4.51 15.60
CA PHE A 602 -10.94 -4.00 14.64
C PHE A 602 -11.65 -3.28 13.51
N GLU A 603 -10.91 -2.40 12.84
CA GLU A 603 -11.45 -1.66 11.71
C GLU A 603 -11.74 -2.60 10.55
N ALA A 604 -12.81 -2.31 9.80
CA ALA A 604 -13.11 -3.10 8.61
C ALA A 604 -12.01 -2.98 7.56
N VAL A 605 -11.36 -1.81 7.48
CA VAL A 605 -10.24 -1.63 6.58
C VAL A 605 -9.05 -2.51 7.00
N ASP A 606 -8.75 -2.50 8.30
CA ASP A 606 -7.63 -3.31 8.82
C ASP A 606 -7.84 -4.79 8.51
N VAL A 607 -9.07 -5.27 8.64
CA VAL A 607 -9.35 -6.69 8.36
C VAL A 607 -9.33 -6.89 6.85
N PRO A 608 -8.84 -8.03 6.36
CA PRO A 608 -8.91 -8.29 4.91
C PRO A 608 -10.35 -8.40 4.43
N MET A 609 -10.58 -7.93 3.21
CA MET A 609 -11.92 -7.94 2.64
C MET A 609 -12.40 -9.37 2.42
N LEU A 610 -13.68 -9.60 2.66
CA LEU A 610 -14.27 -10.90 2.38
C LEU A 610 -14.80 -11.00 0.96
N CYS A 611 -14.60 -9.95 0.15
CA CYS A 611 -14.98 -9.86 -1.25
C CYS A 611 -13.75 -9.56 -2.09
N PRO A 612 -13.73 -10.00 -3.35
CA PRO A 612 -12.61 -9.64 -4.24
C PRO A 612 -12.40 -8.15 -4.28
N PRO A 613 -11.14 -7.70 -4.23
CA PRO A 613 -10.87 -6.26 -4.21
C PRO A 613 -11.29 -5.58 -5.51
N LEU A 614 -11.81 -4.36 -5.37
CA LEU A 614 -12.21 -3.59 -6.54
C LEU A 614 -10.99 -3.21 -7.37
N PRO A 615 -11.13 -3.20 -8.70
CA PRO A 615 -9.99 -2.86 -9.57
C PRO A 615 -9.50 -1.44 -9.36
N TRP A 616 -8.19 -1.26 -9.53
CA TRP A 616 -7.56 0.06 -9.41
C TRP A 616 -7.72 0.83 -10.72
N THR A 617 -8.96 1.24 -10.98
CA THR A 617 -9.22 2.03 -12.19
C THR A 617 -8.51 3.37 -12.15
N SER A 618 -8.17 3.84 -10.95
CA SER A 618 -7.44 5.09 -10.75
C SER A 618 -6.71 4.97 -9.42
N PRO A 619 -5.70 5.80 -9.19
CA PRO A 619 -5.05 5.76 -7.87
C PRO A 619 -6.00 6.06 -6.71
N HIS A 620 -6.85 7.08 -6.87
CA HIS A 620 -7.83 7.40 -5.84
C HIS A 620 -8.93 6.36 -5.70
N SER A 621 -9.34 5.71 -6.80
CA SER A 621 -10.45 4.75 -6.76
C SER A 621 -9.95 3.32 -6.98
N GLY A 622 -9.81 2.58 -5.89
CA GLY A 622 -9.34 1.20 -5.95
C GLY A 622 -9.52 0.54 -4.59
N ALA A 623 -9.19 -0.75 -4.54
CA ALA A 623 -9.15 -1.52 -3.30
C ALA A 623 -10.51 -1.47 -2.63
N PHE A 624 -10.62 -1.01 -1.37
CA PHE A 624 -11.88 -1.04 -0.65
C PHE A 624 -12.95 -0.23 -1.38
N LEU A 625 -14.11 -0.86 -1.55
CA LEU A 625 -15.21 -0.25 -2.31
C LEU A 625 -15.78 0.99 -1.64
N LEU A 626 -15.90 1.02 -0.32
CA LEU A 626 -16.54 2.14 0.35
C LEU A 626 -15.56 3.11 1.00
N SER A 627 -14.35 2.66 1.35
CA SER A 627 -13.41 3.52 2.08
C SER A 627 -12.34 4.07 1.14
N PRO A 628 -12.08 5.37 1.14
CA PRO A 628 -11.09 5.94 0.21
C PRO A 628 -9.68 5.44 0.51
N THR A 629 -9.02 4.87 -0.50
CA THR A 629 -7.68 4.30 -0.36
C THR A 629 -6.72 4.91 -1.39
N LYS A 630 -5.75 5.69 -0.93
CA LYS A 630 -4.79 6.28 -1.85
C LYS A 630 -3.78 5.23 -2.31
N LEU A 631 -3.23 5.45 -3.52
CA LEU A 631 -2.33 4.48 -4.12
C LEU A 631 -0.96 4.44 -3.45
N MET A 632 -0.52 5.54 -2.84
CA MET A 632 0.81 5.62 -2.27
C MET A 632 0.78 5.23 -0.80
N ARG A 633 1.50 4.15 -0.45
CA ARG A 633 1.56 3.73 0.95
C ARG A 633 2.33 4.74 1.81
N THR A 634 3.41 5.29 1.28
CA THR A 634 4.28 6.16 2.07
C THR A 634 3.58 7.46 2.46
N VAL A 635 3.53 7.72 3.77
CA VAL A 635 2.96 8.97 4.23
C VAL A 635 3.86 10.13 3.84
N GLU A 636 5.18 9.93 3.93
CA GLU A 636 6.13 11.01 3.65
C GLU A 636 5.99 11.44 2.20
N GLY A 637 5.93 12.75 1.98
CA GLY A 637 5.84 13.29 0.63
C GLY A 637 4.67 12.74 -0.16
N ALA A 638 3.53 12.52 0.50
CA ALA A 638 2.37 11.93 -0.16
C ALA A 638 1.85 12.81 -1.29
N THR A 639 1.81 14.14 -1.04
CA THR A 639 1.26 15.04 -2.04
C THR A 639 2.10 15.02 -3.31
N GLN A 640 3.42 15.08 -3.18
CA GLN A 640 4.29 15.01 -4.36
C GLN A 640 4.16 13.64 -5.03
N HIS A 641 4.05 12.58 -4.21
CA HIS A 641 3.99 11.23 -4.77
C HIS A 641 2.78 11.10 -5.67
N GLN A 642 1.65 11.67 -5.25
CA GLN A 642 0.44 11.48 -6.03
C GLN A 642 0.33 12.55 -7.12
N GLU A 643 0.91 13.73 -6.92
CA GLU A 643 0.91 14.75 -7.97
C GLU A 643 1.62 14.23 -9.20
N LEU A 644 2.76 13.57 -9.02
CA LEU A 644 3.45 13.01 -10.19
C LEU A 644 2.58 11.94 -10.85
N LEU A 645 1.89 11.13 -10.05
CA LEU A 645 1.04 10.08 -10.60
C LEU A 645 -0.09 10.69 -11.43
N GLU A 646 -0.63 11.83 -10.99
CA GLU A 646 -1.79 12.40 -11.66
C GLU A 646 -1.39 13.16 -12.91
N THR A 647 -0.33 13.98 -12.82
CA THR A 647 0.16 14.67 -14.01
C THR A 647 0.50 13.69 -15.12
N CYS A 648 1.05 12.53 -14.76
CA CYS A 648 1.46 11.55 -15.74
C CYS A 648 0.25 11.04 -16.52
N PRO A 649 0.40 10.75 -17.81
CA PRO A 649 -0.71 10.17 -18.59
C PRO A 649 -1.15 8.83 -18.00
N PRO A 650 -2.45 8.53 -18.06
CA PRO A 650 -2.94 7.28 -17.44
C PRO A 650 -2.33 6.01 -18.00
N THR A 651 -2.00 5.99 -19.30
CA THR A 651 -1.46 4.78 -19.90
C THR A 651 -0.18 4.34 -19.20
N ALA A 652 0.66 5.31 -18.79
CA ALA A 652 1.90 4.96 -18.11
C ALA A 652 1.64 4.24 -16.80
N LEU A 653 0.62 4.66 -16.06
CA LEU A 653 0.31 4.08 -14.76
C LEU A 653 -0.62 2.88 -14.87
N HIS A 654 -1.05 2.56 -16.09
CA HIS A 654 -1.94 1.42 -16.27
C HIS A 654 -1.27 0.13 -15.81
N GLY A 655 0.03 -0.04 -16.12
CA GLY A 655 0.71 -1.26 -15.74
C GLY A 655 0.80 -1.43 -14.23
N ALA A 656 1.12 -0.36 -13.52
CA ALA A 656 1.16 -0.44 -12.06
C ALA A 656 -0.21 -0.76 -11.49
N LEU A 657 -1.24 -0.09 -12.01
CA LEU A 657 -2.59 -0.34 -11.50
C LEU A 657 -2.99 -1.79 -11.72
N ASP A 658 -2.71 -2.31 -12.92
CA ASP A 658 -3.08 -3.68 -13.25
C ASP A 658 -2.31 -4.69 -12.39
N ALA A 659 -1.01 -4.46 -12.18
CA ALA A 659 -0.23 -5.37 -11.34
C ALA A 659 -0.76 -5.36 -9.90
N LEU A 660 -1.07 -4.18 -9.37
CA LEU A 660 -1.60 -4.09 -8.02
C LEU A 660 -2.93 -4.84 -7.92
N THR A 661 -3.80 -4.67 -8.92
CA THR A 661 -5.07 -5.38 -8.92
C THR A 661 -4.86 -6.89 -8.97
N GLN A 662 -3.91 -7.34 -9.80
CA GLN A 662 -3.66 -8.77 -9.91
C GLN A 662 -3.17 -9.35 -8.59
N LEU A 663 -2.26 -8.66 -7.91
CA LEU A 663 -1.79 -9.14 -6.62
C LEU A 663 -2.93 -9.15 -5.60
N GLY A 664 -3.78 -8.11 -5.62
CA GLY A 664 -4.91 -8.09 -4.69
C GLY A 664 -5.91 -9.21 -4.93
N ASN A 665 -6.14 -9.56 -6.19
CA ASN A 665 -7.19 -10.53 -6.54
C ASN A 665 -6.94 -11.90 -5.92
N CYS A 666 -5.68 -12.29 -5.72
CA CYS A 666 -5.38 -13.64 -5.25
C CYS A 666 -6.04 -13.92 -3.91
N ALA A 667 -6.68 -15.09 -3.82
CA ALA A 667 -7.38 -15.51 -2.60
C ALA A 667 -6.39 -16.05 -1.56
N TRP A 668 -6.80 -15.96 -0.30
CA TRP A 668 -5.98 -16.44 0.80
C TRP A 668 -6.84 -17.19 1.80
N ARG A 669 -6.23 -18.17 2.48
CA ARG A 669 -6.88 -18.91 3.54
C ARG A 669 -5.86 -19.26 4.62
N VAL A 670 -6.34 -19.37 5.86
CA VAL A 670 -5.46 -19.82 6.95
C VAL A 670 -5.32 -21.33 6.91
N ASN A 671 -4.22 -21.82 7.49
CA ASN A 671 -3.97 -23.25 7.61
C ASN A 671 -4.48 -23.74 8.96
N GLY A 672 -5.43 -24.68 8.94
CA GLY A 672 -6.05 -25.13 10.18
C GLY A 672 -5.06 -25.80 11.13
N ARG A 673 -4.25 -26.71 10.59
CA ARG A 673 -3.30 -27.44 11.43
C ARG A 673 -2.28 -26.50 12.05
N VAL A 674 -1.70 -25.61 11.22
CA VAL A 674 -0.68 -24.69 11.72
C VAL A 674 -1.30 -23.76 12.75
N LEU A 675 -2.52 -23.27 12.47
CA LEU A 675 -3.16 -22.36 13.40
C LEU A 675 -3.43 -23.03 14.74
N ASP A 676 -3.89 -24.29 14.71
CA ASP A 676 -4.15 -24.99 15.96
C ASP A 676 -2.87 -25.20 16.75
N LEU A 677 -1.78 -25.62 16.08
CA LEU A 677 -0.52 -25.84 16.79
C LEU A 677 0.00 -24.52 17.37
N VAL A 678 -0.18 -23.43 16.63
CA VAL A 678 0.34 -22.14 17.08
C VAL A 678 -0.50 -21.64 18.23
N LEU A 679 -1.82 -21.84 18.17
CA LEU A 679 -2.69 -21.49 19.28
C LEU A 679 -2.32 -22.27 20.53
N GLN A 680 -2.00 -23.56 20.39
CA GLN A 680 -1.63 -24.37 21.54
C GLN A 680 -0.36 -23.82 22.19
N LEU A 681 0.65 -23.50 21.38
CA LEU A 681 1.87 -22.93 21.95
C LEU A 681 1.63 -21.54 22.54
N PHE A 682 0.85 -20.70 21.84
CA PHE A 682 0.63 -19.32 22.25
C PHE A 682 -0.15 -19.23 23.55
N GLN A 683 -1.23 -20.00 23.68
CA GLN A 683 -2.10 -19.88 24.85
C GLN A 683 -1.38 -20.30 26.12
N ALA A 684 -0.65 -21.42 26.07
CA ALA A 684 0.07 -21.93 27.23
C ALA A 684 1.54 -21.58 27.08
N LYS A 685 1.97 -20.55 27.81
CA LYS A 685 3.35 -20.03 27.77
C LYS A 685 3.64 -19.64 26.31
N GLY A 686 4.88 -19.81 25.86
CA GLY A 686 5.23 -19.55 24.48
C GLY A 686 6.60 -20.11 24.17
N CYS A 687 6.87 -20.26 22.88
CA CYS A 687 8.19 -20.69 22.43
C CYS A 687 8.86 -19.57 21.64
N PRO A 688 9.82 -18.85 22.24
CA PRO A 688 10.45 -17.73 21.51
C PRO A 688 11.25 -18.20 20.31
N GLN A 689 11.98 -19.31 20.43
CA GLN A 689 12.76 -19.81 19.31
C GLN A 689 11.87 -20.20 18.14
N LEU A 690 10.75 -20.87 18.42
CA LEU A 690 9.81 -21.21 17.36
C LEU A 690 9.21 -19.95 16.75
N GLY A 691 8.95 -18.93 17.57
CA GLY A 691 8.38 -17.69 17.07
C GLY A 691 6.99 -17.36 17.57
N VAL A 692 6.43 -18.14 18.48
CA VAL A 692 5.14 -17.81 19.11
C VAL A 692 5.44 -17.02 20.38
N PRO A 693 4.99 -15.77 20.47
CA PRO A 693 5.36 -14.94 21.63
C PRO A 693 4.83 -15.48 22.94
N ALA A 694 5.65 -15.39 23.98
CA ALA A 694 5.27 -15.79 25.32
C ALA A 694 4.45 -14.69 25.99
N PRO A 695 3.67 -15.03 27.02
CA PRO A 695 2.92 -14.01 27.75
C PRO A 695 3.85 -12.98 28.37
N PRO A 696 4.99 -13.42 28.92
CA PRO A 696 6.10 -12.63 29.48
C PRO A 696 5.63 -11.66 30.55
N ARG A 731 7.66 -3.90 27.37
CA ARG A 731 8.02 -3.06 26.23
C ARG A 731 7.86 -3.82 24.90
N GLU A 732 8.93 -4.47 24.44
CA GLU A 732 8.84 -5.25 23.21
C GLU A 732 7.98 -6.49 23.41
N MET A 733 8.08 -7.13 24.58
CA MET A 733 7.42 -8.41 24.81
C MET A 733 5.89 -8.29 24.75
N HIS A 734 5.33 -7.29 25.44
CA HIS A 734 3.87 -7.13 25.42
C HIS A 734 3.39 -6.74 24.02
N SER A 735 4.15 -5.89 23.33
CA SER A 735 3.77 -5.51 21.97
C SER A 735 3.76 -6.72 21.04
N LEU A 736 4.77 -7.59 21.15
CA LEU A 736 4.79 -8.80 20.34
C LEU A 736 3.63 -9.71 20.68
N ARG A 737 3.33 -9.86 21.98
CA ARG A 737 2.21 -10.71 22.37
C ARG A 737 0.89 -10.16 21.83
N ALA A 738 0.70 -8.84 21.91
CA ALA A 738 -0.51 -8.23 21.37
C ALA A 738 -0.60 -8.41 19.85
N GLU A 739 0.52 -8.26 19.14
CA GLU A 739 0.51 -8.45 17.70
C GLU A 739 0.11 -9.88 17.34
N ALA A 740 0.68 -10.85 18.06
CA ALA A 740 0.29 -12.25 17.85
C ALA A 740 -1.17 -12.45 18.17
N LEU A 741 -1.66 -11.82 19.25
CA LEU A 741 -3.05 -11.95 19.65
C LEU A 741 -3.97 -11.47 18.54
N TYR A 742 -3.67 -10.30 17.97
CA TYR A 742 -4.51 -9.74 16.92
C TYR A 742 -4.49 -10.61 15.67
N ARG A 743 -3.30 -11.06 15.26
CA ARG A 743 -3.21 -11.87 14.05
C ARG A 743 -3.94 -13.20 14.22
N LEU A 744 -3.74 -13.87 15.36
CA LEU A 744 -4.39 -15.15 15.60
C LEU A 744 -5.90 -14.97 15.75
N SER A 745 -6.33 -13.87 16.37
CA SER A 745 -7.77 -13.60 16.48
C SER A 745 -8.40 -13.42 15.11
N LEU A 746 -7.73 -12.68 14.22
CA LEU A 746 -8.24 -12.54 12.86
C LEU A 746 -8.25 -13.88 12.12
N ALA A 747 -7.23 -14.70 12.34
CA ALA A 747 -7.24 -16.03 11.71
C ALA A 747 -8.40 -16.87 12.21
N GLN A 748 -8.68 -16.81 13.52
CA GLN A 748 -9.81 -17.53 14.08
C GLN A 748 -11.13 -17.02 13.49
N HIS A 749 -11.24 -15.71 13.32
CA HIS A 749 -12.44 -15.16 12.68
C HIS A 749 -12.54 -15.64 11.23
N LEU A 750 -11.41 -15.71 10.54
CA LEU A 750 -11.32 -16.27 9.19
C LEU A 750 -10.88 -17.72 9.22
N ARG A 751 -11.53 -18.50 10.08
CA ARG A 751 -11.15 -19.90 10.30
C ARG A 751 -11.29 -20.72 9.02
N ASP A 752 -12.42 -20.57 8.31
CA ASP A 752 -12.61 -21.25 7.05
C ASP A 752 -13.10 -20.37 5.91
N ARG A 753 -13.30 -19.08 6.15
CA ARG A 753 -13.69 -18.18 5.08
C ARG A 753 -12.49 -17.78 4.23
N VAL A 754 -12.77 -17.39 2.99
CA VAL A 754 -11.74 -16.93 2.07
C VAL A 754 -11.72 -15.40 2.11
N PHE A 755 -10.54 -14.84 2.38
CA PHE A 755 -10.37 -13.39 2.51
C PHE A 755 -9.42 -12.88 1.46
N TRP A 756 -9.78 -11.74 0.87
CA TRP A 756 -9.00 -11.09 -0.18
C TRP A 756 -8.41 -9.79 0.36
N LEU A 757 -7.09 -9.65 0.24
CA LEU A 757 -6.40 -8.44 0.67
C LEU A 757 -5.84 -7.66 -0.50
N PRO A 758 -6.20 -6.39 -0.66
CA PRO A 758 -5.67 -5.59 -1.77
C PRO A 758 -4.23 -5.18 -1.50
N HIS A 759 -3.53 -4.77 -2.57
CA HIS A 759 -2.13 -4.40 -2.47
C HIS A 759 -2.00 -2.93 -2.84
N ASN A 760 -1.33 -2.16 -1.98
CA ASN A 760 -1.17 -0.72 -2.16
C ASN A 760 0.31 -0.47 -2.52
N MET A 761 0.57 0.31 -3.56
CA MET A 761 1.95 0.55 -4.01
C MET A 761 2.73 1.41 -2.99
N ASP A 762 4.00 1.70 -3.30
CA ASP A 762 4.91 2.52 -2.50
C ASP A 762 5.61 3.49 -3.46
N PHE A 763 6.34 4.51 -2.95
CA PHE A 763 7.05 5.35 -3.90
C PHE A 763 8.06 4.54 -4.70
N ARG A 764 8.75 3.58 -4.04
CA ARG A 764 9.73 2.71 -4.72
C ARG A 764 9.06 1.72 -5.59
N GLY A 765 7.78 1.88 -5.84
CA GLY A 765 7.03 0.92 -6.63
C GLY A 765 6.80 -0.40 -5.96
N ARG A 766 7.32 -0.59 -4.75
CA ARG A 766 7.15 -1.85 -4.05
C ARG A 766 5.67 -2.06 -3.73
N THR A 767 5.26 -3.30 -3.52
CA THR A 767 3.86 -3.62 -3.28
C THR A 767 3.68 -4.11 -1.85
N TYR A 768 2.78 -3.45 -1.10
CA TYR A 768 2.53 -3.79 0.29
C TYR A 768 1.04 -4.02 0.53
N PRO A 769 0.66 -5.10 1.22
CA PRO A 769 -0.75 -5.39 1.47
C PRO A 769 -1.42 -4.31 2.32
N CYS A 770 -2.65 -3.94 1.93
CA CYS A 770 -3.39 -2.95 2.71
C CYS A 770 -3.71 -3.38 4.14
N PRO A 771 -4.17 -4.60 4.41
CA PRO A 771 -4.40 -5.04 5.80
C PRO A 771 -3.13 -5.03 6.65
N PRO A 772 -3.05 -4.14 7.65
CA PRO A 772 -1.88 -4.16 8.54
C PRO A 772 -1.83 -5.36 9.48
N HIS A 773 -2.98 -5.80 10.01
CA HIS A 773 -2.95 -6.86 11.01
C HIS A 773 -2.53 -8.21 10.42
N PHE A 774 -3.05 -8.57 9.26
CA PHE A 774 -2.88 -9.92 8.72
C PHE A 774 -2.04 -9.98 7.45
N ASN A 775 -1.19 -8.99 7.16
CA ASN A 775 -0.34 -9.11 5.99
C ASN A 775 0.65 -10.26 6.18
N HIS A 776 0.88 -10.98 5.08
CA HIS A 776 1.84 -12.07 5.06
C HIS A 776 3.28 -11.63 5.34
N LEU A 777 3.63 -10.38 5.03
CA LEU A 777 4.99 -9.92 5.24
C LEU A 777 5.41 -9.92 6.71
N GLY A 778 4.45 -9.92 7.64
CA GLY A 778 4.78 -9.65 9.03
C GLY A 778 5.79 -10.61 9.64
N SER A 779 5.60 -11.92 9.45
CA SER A 779 6.47 -12.87 10.13
C SER A 779 6.41 -14.23 9.45
N ASP A 780 7.36 -15.09 9.84
CA ASP A 780 7.39 -16.46 9.35
C ASP A 780 6.13 -17.23 9.76
N VAL A 781 5.66 -17.03 11.00
CA VAL A 781 4.44 -17.70 11.43
C VAL A 781 3.25 -17.22 10.59
N ALA A 782 3.20 -15.92 10.29
CA ALA A 782 2.12 -15.40 9.45
C ALA A 782 2.17 -16.01 8.06
N ARG A 783 3.37 -16.15 7.50
CA ARG A 783 3.51 -16.77 6.19
C ARG A 783 3.09 -18.23 6.22
N ALA A 784 3.42 -18.94 7.29
CA ALA A 784 3.01 -20.33 7.43
C ALA A 784 1.49 -20.46 7.50
N LEU A 785 0.85 -19.56 8.24
CA LEU A 785 -0.61 -19.58 8.34
C LEU A 785 -1.27 -19.32 6.99
N LEU A 786 -0.70 -18.39 6.21
CA LEU A 786 -1.32 -17.93 4.98
C LEU A 786 -0.95 -18.82 3.81
N GLU A 787 -1.95 -19.47 3.23
CA GLU A 787 -1.80 -20.31 2.04
C GLU A 787 -2.88 -19.94 1.04
N PHE A 788 -2.57 -20.10 -0.25
CA PHE A 788 -3.52 -19.72 -1.28
C PHE A 788 -4.80 -20.54 -1.14
N ALA A 789 -5.94 -19.85 -1.18
CA ALA A 789 -7.21 -20.57 -1.16
C ALA A 789 -7.38 -21.42 -2.42
N GLN A 790 -6.92 -20.89 -3.56
CA GLN A 790 -7.02 -21.62 -4.81
C GLN A 790 -6.19 -22.91 -4.74
N GLY A 791 -6.72 -23.96 -5.36
CA GLY A 791 -6.06 -25.26 -5.38
C GLY A 791 -5.47 -25.53 -6.75
N ARG A 792 -4.19 -25.88 -6.76
CA ARG A 792 -3.46 -26.13 -7.99
C ARG A 792 -2.87 -27.52 -7.97
N PRO A 793 -3.09 -28.33 -9.02
CA PRO A 793 -2.43 -29.64 -9.08
C PRO A 793 -0.93 -29.48 -9.11
N LEU A 794 -0.23 -30.36 -8.39
CA LEU A 794 1.23 -30.25 -8.31
C LEU A 794 1.88 -30.44 -9.67
N GLY A 795 1.41 -31.40 -10.45
CA GLY A 795 2.01 -31.68 -11.74
C GLY A 795 3.18 -32.62 -11.60
N PRO A 796 3.79 -33.00 -12.73
CA PRO A 796 4.88 -33.99 -12.67
C PRO A 796 6.08 -33.55 -11.84
N HIS A 797 6.50 -32.29 -11.95
CA HIS A 797 7.67 -31.79 -11.24
C HIS A 797 7.31 -30.97 -10.00
N GLY A 798 6.02 -30.80 -9.71
CA GLY A 798 5.63 -30.01 -8.56
C GLY A 798 6.10 -30.61 -7.25
N LEU A 799 6.04 -31.94 -7.13
CA LEU A 799 6.50 -32.59 -5.91
C LEU A 799 7.99 -32.34 -5.68
N ASP A 800 8.78 -32.44 -6.75
CA ASP A 800 10.21 -32.15 -6.65
C ASP A 800 10.43 -30.70 -6.23
N TRP A 801 9.64 -29.79 -6.79
CA TRP A 801 9.76 -28.39 -6.39
C TRP A 801 9.41 -28.20 -4.91
N LEU A 802 8.39 -28.90 -4.42
CA LEU A 802 8.04 -28.80 -3.00
C LEU A 802 9.16 -29.32 -2.12
N LYS A 803 9.76 -30.45 -2.48
CA LYS A 803 10.84 -30.99 -1.66
C LYS A 803 12.06 -30.07 -1.66
N ILE A 804 12.39 -29.52 -2.84
CA ILE A 804 13.48 -28.55 -2.92
C ILE A 804 13.15 -27.33 -2.08
N HIS A 805 11.88 -26.91 -2.10
CA HIS A 805 11.46 -25.79 -1.28
C HIS A 805 11.64 -26.07 0.20
N LEU A 806 11.33 -27.29 0.62
CA LEU A 806 11.52 -27.64 2.03
C LEU A 806 12.99 -27.59 2.41
N VAL A 807 13.86 -28.10 1.54
CA VAL A 807 15.29 -28.04 1.82
C VAL A 807 15.77 -26.60 1.90
N ASN A 808 15.29 -25.76 0.98
CA ASN A 808 15.63 -24.33 1.02
C ASN A 808 15.12 -23.69 2.31
N LEU A 809 13.91 -24.04 2.73
CA LEU A 809 13.34 -23.46 3.93
C LEU A 809 14.15 -23.84 5.17
N THR A 810 14.58 -25.10 5.24
CA THR A 810 15.45 -25.51 6.33
C THR A 810 16.78 -24.79 6.26
N GLY A 811 17.28 -24.55 5.05
CA GLY A 811 18.56 -23.90 4.86
C GLY A 811 19.73 -24.85 4.79
N LEU A 812 19.52 -26.11 5.14
CA LEU A 812 20.57 -27.10 4.98
C LEU A 812 20.85 -27.33 3.51
N LYS A 813 22.12 -27.50 3.16
CA LYS A 813 22.56 -27.69 1.78
C LYS A 813 21.95 -26.64 0.86
N LYS A 814 22.24 -25.38 1.19
CA LYS A 814 21.67 -24.24 0.48
C LYS A 814 22.47 -23.80 -0.74
N ARG A 815 23.78 -24.04 -0.77
CA ARG A 815 24.62 -23.58 -1.88
C ARG A 815 25.08 -24.75 -2.74
N GLU A 816 24.43 -25.87 -2.61
CA GLU A 816 24.69 -27.06 -3.39
C GLU A 816 23.71 -27.11 -4.57
N PRO A 817 24.03 -27.83 -5.65
CA PRO A 817 23.06 -27.96 -6.75
C PRO A 817 21.67 -28.44 -6.33
N LEU A 818 20.69 -28.05 -7.15
CA LEU A 818 19.28 -28.39 -6.89
C LEU A 818 19.06 -29.89 -6.80
N ARG A 819 19.77 -30.67 -7.62
CA ARG A 819 19.66 -32.13 -7.54
C ARG A 819 20.10 -32.60 -6.17
N LYS A 820 21.19 -32.03 -5.65
CA LYS A 820 21.66 -32.37 -4.32
C LYS A 820 20.64 -31.97 -3.26
N ARG A 821 19.97 -30.83 -3.44
CA ARG A 821 19.00 -30.41 -2.44
C ARG A 821 17.82 -31.37 -2.40
N LEU A 822 17.36 -31.81 -3.58
CA LEU A 822 16.30 -32.81 -3.63
C LEU A 822 16.76 -34.13 -2.99
N ALA A 823 18.01 -34.54 -3.25
CA ALA A 823 18.53 -35.76 -2.65
C ALA A 823 18.59 -35.65 -1.13
N PHE A 824 19.00 -34.48 -0.62
CA PHE A 824 19.00 -34.25 0.82
C PHE A 824 17.59 -34.34 1.38
N ALA A 825 16.60 -33.82 0.65
CA ALA A 825 15.22 -33.95 1.11
C ALA A 825 14.83 -35.41 1.20
N GLU A 826 15.24 -36.21 0.21
CA GLU A 826 14.96 -37.64 0.27
C GLU A 826 15.62 -38.27 1.49
N GLU A 827 16.85 -37.84 1.80
CA GLU A 827 17.57 -38.39 2.95
C GLU A 827 16.90 -38.03 4.27
N VAL A 828 16.39 -36.80 4.38
CA VAL A 828 15.81 -36.32 5.64
C VAL A 828 14.28 -36.47 5.64
N MET A 829 13.73 -37.26 4.71
CA MET A 829 12.29 -37.43 4.62
C MET A 829 11.69 -37.97 5.92
N ASP A 830 12.39 -38.89 6.59
CA ASP A 830 11.83 -39.45 7.81
C ASP A 830 11.63 -38.38 8.88
N ASP A 831 12.63 -37.50 9.05
CA ASP A 831 12.48 -36.38 9.97
C ASP A 831 11.38 -35.44 9.49
N ILE A 832 11.26 -35.26 8.17
CA ILE A 832 10.24 -34.37 7.62
C ILE A 832 8.86 -34.84 8.03
N LEU A 833 8.59 -36.13 7.82
CA LEU A 833 7.29 -36.69 8.18
C LEU A 833 7.07 -36.68 9.69
N ASP A 834 8.11 -37.00 10.48
CA ASP A 834 7.94 -37.01 11.92
C ASP A 834 7.61 -35.63 12.46
N SER A 835 8.23 -34.58 11.88
CA SER A 835 7.85 -33.22 12.22
C SER A 835 6.43 -32.91 11.77
N ALA A 836 6.04 -33.37 10.58
CA ALA A 836 4.70 -33.11 10.08
C ALA A 836 3.63 -33.75 10.96
N ASP A 837 3.94 -34.87 11.59
CA ASP A 837 2.95 -35.60 12.37
C ASP A 837 2.96 -35.24 13.85
N GLN A 838 4.13 -35.02 14.44
CA GLN A 838 4.25 -34.73 15.86
C GLN A 838 5.08 -33.46 16.07
N PRO A 839 4.51 -32.29 15.77
CA PRO A 839 5.25 -31.04 15.99
C PRO A 839 5.65 -30.81 17.43
N LEU A 840 4.75 -31.08 18.39
CA LEU A 840 4.98 -30.72 19.78
C LEU A 840 5.71 -31.83 20.54
N THR A 841 5.30 -33.08 20.37
CA THR A 841 5.89 -34.22 21.07
C THR A 841 6.38 -35.19 20.01
N GLY A 842 7.55 -34.92 19.47
CA GLY A 842 8.11 -35.73 18.43
C GLY A 842 9.60 -35.49 18.32
N ARG A 843 10.16 -35.84 17.16
CA ARG A 843 11.57 -35.57 16.90
C ARG A 843 11.85 -34.08 16.95
N LYS A 844 10.91 -33.27 16.47
CA LYS A 844 11.05 -31.81 16.45
C LYS A 844 12.26 -31.37 15.63
N TRP A 845 12.52 -32.10 14.53
CA TRP A 845 13.59 -31.71 13.63
C TRP A 845 13.32 -30.36 12.98
N TRP A 846 12.04 -30.04 12.74
CA TRP A 846 11.68 -28.78 12.11
C TRP A 846 12.16 -27.57 12.90
N MET A 847 12.16 -27.67 14.24
CA MET A 847 12.55 -26.53 15.07
C MET A 847 13.98 -26.09 14.79
N GLY A 848 14.86 -27.05 14.53
CA GLY A 848 16.25 -26.72 14.21
C GLY A 848 16.39 -25.86 12.97
N ALA A 849 15.51 -26.08 11.98
CA ALA A 849 15.57 -25.34 10.73
C ALA A 849 15.37 -23.85 10.98
N GLU A 850 15.97 -23.04 10.10
CA GLU A 850 15.96 -21.59 10.28
C GLU A 850 14.54 -21.03 10.29
N GLU A 851 13.68 -21.50 9.38
CA GLU A 851 12.27 -21.12 9.36
C GLU A 851 11.45 -22.30 9.85
N PRO A 852 11.14 -22.37 11.15
CA PRO A 852 10.48 -23.55 11.71
C PRO A 852 9.05 -23.74 11.23
N TRP A 853 8.24 -22.69 11.28
CA TRP A 853 6.83 -22.82 10.93
C TRP A 853 6.67 -23.08 9.43
N GLN A 854 7.42 -22.38 8.59
CA GLN A 854 7.37 -22.67 7.16
C GLN A 854 7.86 -24.08 6.88
N THR A 855 8.89 -24.52 7.61
CA THR A 855 9.35 -25.89 7.46
C THR A 855 8.26 -26.88 7.83
N LEU A 856 7.51 -26.58 8.91
CA LEU A 856 6.41 -27.44 9.33
C LEU A 856 5.31 -27.49 8.29
N ALA A 857 4.95 -26.34 7.71
CA ALA A 857 3.90 -26.32 6.69
C ALA A 857 4.31 -27.10 5.45
N CYS A 858 5.56 -26.91 5.01
CA CYS A 858 6.03 -27.69 3.87
C CYS A 858 6.10 -29.16 4.21
N CYS A 859 6.45 -29.50 5.46
CA CYS A 859 6.41 -30.87 5.92
C CYS A 859 5.01 -31.44 5.80
N MET A 860 4.00 -30.67 6.20
CA MET A 860 2.62 -31.14 6.10
C MET A 860 2.25 -31.38 4.64
N GLU A 861 2.72 -30.52 3.73
CA GLU A 861 2.32 -30.69 2.34
C GLU A 861 3.13 -31.78 1.64
N VAL A 862 4.30 -32.12 2.18
CA VAL A 862 5.06 -33.23 1.63
C VAL A 862 4.49 -34.54 2.14
N ALA A 863 4.08 -34.57 3.41
CA ALA A 863 3.40 -35.74 3.94
C ALA A 863 2.11 -35.98 3.17
N ASN A 864 1.30 -34.94 2.97
CA ASN A 864 0.05 -35.10 2.23
C ASN A 864 0.32 -35.54 0.80
N ALA A 865 1.36 -34.99 0.16
CA ALA A 865 1.69 -35.41 -1.21
C ALA A 865 2.04 -36.89 -1.26
N VAL A 866 2.99 -37.33 -0.43
CA VAL A 866 3.42 -38.73 -0.48
C VAL A 866 2.28 -39.67 -0.10
N ARG A 867 1.47 -39.28 0.89
CA ARG A 867 0.35 -40.13 1.29
C ARG A 867 -0.66 -40.28 0.17
N ALA A 868 -0.92 -39.19 -0.57
CA ALA A 868 -1.88 -39.25 -1.67
C ALA A 868 -1.38 -40.19 -2.75
N SER A 869 -2.33 -40.87 -3.40
CA SER A 869 -1.97 -41.87 -4.41
C SER A 869 -1.18 -41.24 -5.55
N ASP A 870 -1.59 -40.06 -6.00
CA ASP A 870 -0.84 -39.30 -7.00
C ASP A 870 -0.36 -38.00 -6.40
N PRO A 871 0.95 -37.79 -6.24
CA PRO A 871 1.42 -36.47 -5.78
C PRO A 871 1.12 -35.38 -6.79
N ALA A 872 1.22 -35.67 -8.08
CA ALA A 872 0.94 -34.66 -9.10
C ALA A 872 -0.49 -34.16 -9.01
N ALA A 873 -1.44 -35.05 -8.78
CA ALA A 873 -2.84 -34.65 -8.66
C ALA A 873 -3.06 -33.77 -7.43
N TYR A 874 -2.28 -33.97 -6.38
CA TYR A 874 -2.51 -33.28 -5.11
C TYR A 874 -2.51 -31.76 -5.30
N VAL A 875 -3.47 -31.10 -4.66
CA VAL A 875 -3.61 -29.65 -4.72
C VAL A 875 -2.92 -29.06 -3.50
N SER A 876 -1.87 -28.27 -3.74
CA SER A 876 -1.06 -27.69 -2.69
C SER A 876 -1.38 -26.21 -2.55
N HIS A 877 -2.10 -25.88 -1.48
CA HIS A 877 -2.41 -24.48 -1.19
C HIS A 877 -1.15 -23.70 -0.81
N LEU A 878 -0.20 -24.35 -0.14
CA LEU A 878 0.97 -23.67 0.39
C LEU A 878 1.75 -22.96 -0.71
N PRO A 879 2.15 -21.71 -0.51
CA PRO A 879 2.97 -21.03 -1.52
C PRO A 879 4.40 -21.58 -1.56
N VAL A 880 4.97 -21.57 -2.76
CA VAL A 880 6.37 -21.94 -2.99
C VAL A 880 7.12 -20.67 -3.36
N HIS A 881 8.21 -20.39 -2.66
CA HIS A 881 8.92 -19.13 -2.80
C HIS A 881 10.19 -19.32 -3.61
N GLN A 882 10.46 -18.38 -4.52
CA GLN A 882 11.64 -18.42 -5.38
C GLN A 882 12.34 -17.06 -5.33
N ASP A 883 13.12 -16.82 -4.29
CA ASP A 883 13.94 -15.62 -4.23
C ASP A 883 15.19 -15.79 -5.09
N GLY A 884 15.82 -14.67 -5.41
CA GLY A 884 16.96 -14.69 -6.30
C GLY A 884 18.23 -14.05 -5.75
N SER A 885 18.73 -14.56 -4.63
CA SER A 885 19.99 -14.08 -4.02
C SER A 885 19.82 -12.57 -3.80
N CYS A 886 20.79 -11.75 -4.18
CA CYS A 886 20.63 -10.30 -4.09
C CYS A 886 20.13 -9.78 -5.44
N ASN A 887 18.84 -9.48 -5.49
CA ASN A 887 18.24 -8.99 -6.73
C ASN A 887 18.86 -7.65 -7.11
N GLY A 888 19.14 -6.80 -6.13
CA GLY A 888 19.78 -5.53 -6.42
C GLY A 888 21.16 -5.70 -7.02
N LEU A 889 21.93 -6.64 -6.50
CA LEU A 889 23.24 -6.91 -7.08
C LEU A 889 23.12 -7.43 -8.49
N GLN A 890 22.10 -8.27 -8.74
CA GLN A 890 21.85 -8.74 -10.10
C GLN A 890 21.53 -7.57 -11.03
N HIS A 891 20.71 -6.63 -10.54
CA HIS A 891 20.38 -5.45 -11.33
C HIS A 891 21.62 -4.62 -11.63
N TYR A 892 22.49 -4.45 -10.64
CA TYR A 892 23.72 -3.67 -10.84
C TYR A 892 24.60 -4.32 -11.90
N ALA A 893 24.80 -5.63 -11.77
CA ALA A 893 25.66 -6.35 -12.72
C ALA A 893 25.08 -6.33 -14.13
N ALA A 894 23.75 -6.45 -14.26
CA ALA A 894 23.15 -6.35 -15.58
C ALA A 894 23.26 -4.93 -16.14
N LEU A 895 23.05 -3.92 -15.29
CA LEU A 895 23.08 -2.54 -15.74
C LEU A 895 24.46 -2.17 -16.28
N GLY A 896 25.49 -2.52 -15.53
CA GLY A 896 26.84 -2.38 -16.06
C GLY A 896 27.44 -3.75 -16.24
N ARG A 897 27.56 -4.21 -17.48
CA ARG A 897 27.93 -5.60 -17.75
C ARG A 897 29.24 -5.94 -17.06
N ASP A 898 29.19 -6.98 -16.22
CA ASP A 898 30.35 -7.47 -15.50
C ASP A 898 30.35 -8.99 -15.56
N SER A 899 31.41 -9.58 -16.11
CA SER A 899 31.49 -11.03 -16.16
C SER A 899 31.62 -11.64 -14.77
N VAL A 900 32.52 -11.10 -13.94
CA VAL A 900 32.68 -11.62 -12.59
C VAL A 900 31.41 -11.39 -11.79
N GLY A 901 30.78 -10.22 -11.96
CA GLY A 901 29.52 -9.98 -11.27
C GLY A 901 28.43 -10.95 -11.68
N ALA A 902 28.35 -11.22 -12.98
CA ALA A 902 27.34 -12.15 -13.49
C ALA A 902 27.56 -13.53 -12.90
N ALA A 903 28.81 -13.99 -12.87
CA ALA A 903 29.09 -15.30 -12.31
C ALA A 903 28.77 -15.33 -10.82
N SER A 904 29.14 -14.28 -10.09
CA SER A 904 28.95 -14.27 -8.64
C SER A 904 27.47 -14.26 -8.26
N VAL A 905 26.65 -13.47 -8.94
CA VAL A 905 25.25 -13.32 -8.56
C VAL A 905 24.34 -14.24 -9.38
N ASN A 906 24.91 -15.27 -10.01
CA ASN A 906 24.17 -16.26 -10.78
C ASN A 906 23.46 -15.63 -11.97
N LEU A 907 24.08 -14.62 -12.57
CA LEU A 907 23.61 -14.05 -13.83
C LEU A 907 24.24 -14.74 -15.04
N GLU A 908 25.18 -15.64 -14.81
CA GLU A 908 25.89 -16.41 -15.83
C GLU A 908 25.65 -17.89 -15.59
N PRO A 909 25.41 -18.67 -16.64
CA PRO A 909 25.07 -20.09 -16.44
C PRO A 909 26.17 -20.82 -15.68
N SER A 910 25.75 -21.58 -14.67
CA SER A 910 26.66 -22.30 -13.81
C SER A 910 26.00 -23.59 -13.36
N ASP A 911 26.83 -24.54 -12.91
CA ASP A 911 26.34 -25.77 -12.30
C ASP A 911 26.60 -25.81 -10.81
N VAL A 912 27.77 -25.34 -10.37
CA VAL A 912 28.06 -25.15 -8.96
C VAL A 912 27.61 -23.74 -8.58
N PRO A 913 26.52 -23.59 -7.82
CA PRO A 913 26.04 -22.25 -7.47
C PRO A 913 27.07 -21.50 -6.63
N GLN A 914 27.11 -20.18 -6.81
CA GLN A 914 28.07 -19.32 -6.14
C GLN A 914 27.34 -18.46 -5.12
N ASP A 915 27.70 -18.61 -3.85
CA ASP A 915 27.10 -17.79 -2.80
C ASP A 915 27.79 -16.42 -2.73
N VAL A 916 26.99 -15.39 -3.03
CA VAL A 916 27.51 -14.02 -3.01
C VAL A 916 27.92 -13.67 -1.59
N TYR A 917 27.06 -14.03 -0.63
CA TYR A 917 27.28 -13.68 0.75
C TYR A 917 28.60 -14.27 1.23
N SER A 918 28.87 -15.53 0.87
CA SER A 918 30.11 -16.18 1.26
C SER A 918 31.32 -15.50 0.65
N GLY A 919 31.23 -15.12 -0.63
CA GLY A 919 32.35 -14.42 -1.24
C GLY A 919 32.63 -13.09 -0.56
N VAL A 920 31.57 -12.34 -0.29
CA VAL A 920 31.72 -11.06 0.37
C VAL A 920 32.28 -11.26 1.78
N ALA A 921 31.85 -12.33 2.45
CA ALA A 921 32.38 -12.64 3.78
C ALA A 921 33.88 -12.93 3.73
N ALA A 922 34.34 -13.64 2.69
CA ALA A 922 35.77 -13.89 2.55
C ALA A 922 36.54 -12.59 2.35
N GLN A 923 36.00 -11.69 1.52
CA GLN A 923 36.66 -10.39 1.35
C GLN A 923 36.65 -9.60 2.66
N VAL A 924 35.55 -9.67 3.40
CA VAL A 924 35.48 -9.02 4.69
C VAL A 924 36.53 -9.61 5.63
N GLU A 925 36.77 -10.92 5.54
CA GLU A 925 37.78 -11.56 6.38
C GLU A 925 39.20 -11.07 6.04
N VAL A 926 39.52 -10.93 4.75
CA VAL A 926 40.85 -10.40 4.43
C VAL A 926 41.00 -8.96 4.93
N PHE A 927 39.96 -8.14 4.72
CA PHE A 927 40.02 -6.77 5.24
C PHE A 927 40.07 -6.79 6.77
N ARG A 928 39.48 -7.81 7.38
CA ARG A 928 39.54 -8.00 8.82
C ARG A 928 40.96 -8.27 9.27
N ARG A 929 41.70 -9.07 8.51
CA ARG A 929 43.10 -9.30 8.84
C ARG A 929 43.90 -8.01 8.73
N GLN A 930 43.63 -7.21 7.69
CA GLN A 930 44.33 -5.94 7.58
C GLN A 930 44.02 -5.00 8.74
N ASP A 931 42.74 -4.93 9.14
CA ASP A 931 42.38 -4.09 10.28
C ASP A 931 43.00 -4.61 11.57
N ALA A 932 43.10 -5.94 11.70
CA ALA A 932 43.77 -6.53 12.86
C ALA A 932 45.24 -6.09 12.90
N GLN A 933 45.88 -6.04 11.73
CA GLN A 933 47.23 -5.49 11.68
C GLN A 933 47.22 -4.04 12.12
N ARG A 934 46.17 -3.30 11.76
CA ARG A 934 46.04 -1.91 12.16
C ARG A 934 45.74 -1.83 13.67
N GLY A 935 45.91 -0.64 14.22
CA GLY A 935 45.72 -0.46 15.65
C GLY A 935 44.32 -0.78 16.12
N MET A 936 43.32 -0.55 15.27
CA MET A 936 41.93 -0.81 15.63
C MET A 936 41.73 -2.27 16.04
N ARG A 937 40.99 -2.47 17.14
CA ARG A 937 40.68 -3.78 17.67
C ARG A 937 39.32 -4.30 17.24
N VAL A 938 38.59 -3.53 16.43
CA VAL A 938 37.29 -3.97 15.95
C VAL A 938 37.42 -5.31 15.22
N ALA A 939 38.52 -5.47 14.48
CA ALA A 939 38.73 -6.70 13.73
C ALA A 939 39.01 -7.87 14.67
N GLN A 940 39.87 -7.66 15.66
CA GLN A 940 40.14 -8.72 16.63
C GLN A 940 38.87 -9.12 17.36
N VAL A 941 37.98 -8.16 17.59
CA VAL A 941 36.71 -8.47 18.24
C VAL A 941 35.82 -9.27 17.29
N LEU A 942 35.83 -8.92 16.01
CA LEU A 942 35.00 -9.59 15.01
C LEU A 942 35.62 -10.86 14.44
N GLU A 943 36.76 -11.31 14.95
CA GLU A 943 37.39 -12.50 14.38
C GLU A 943 36.52 -13.71 14.68
N GLY A 944 36.27 -14.52 13.65
CA GLY A 944 35.42 -15.68 13.83
C GLY A 944 33.97 -15.36 14.10
N PHE A 945 33.58 -14.08 14.01
CA PHE A 945 32.23 -13.64 14.29
C PHE A 945 31.60 -12.91 13.10
N ILE A 946 31.99 -13.30 11.89
CA ILE A 946 31.40 -12.73 10.68
C ILE A 946 30.75 -13.87 9.92
N THR A 947 29.56 -14.25 10.36
CA THR A 947 28.83 -15.36 9.78
C THR A 947 28.19 -14.95 8.45
N ARG A 948 27.86 -15.96 7.65
CA ARG A 948 27.22 -15.72 6.36
C ARG A 948 25.90 -14.99 6.54
N LYS A 949 25.12 -15.34 7.57
CA LYS A 949 23.84 -14.68 7.81
C LYS A 949 24.01 -13.19 8.10
N VAL A 950 25.03 -12.85 8.91
CA VAL A 950 25.28 -11.45 9.22
C VAL A 950 25.72 -10.71 7.96
N VAL A 951 26.60 -11.32 7.17
CA VAL A 951 27.01 -10.71 5.92
C VAL A 951 25.81 -10.56 5.00
N LYS A 952 24.87 -11.51 5.05
CA LYS A 952 23.66 -11.44 4.24
C LYS A 952 22.85 -10.20 4.59
N GLN A 953 22.65 -9.98 5.88
CA GLN A 953 21.89 -8.80 6.30
C GLN A 953 22.60 -7.51 5.88
N THR A 954 23.92 -7.46 6.06
CA THR A 954 24.63 -6.23 5.69
C THR A 954 24.59 -6.01 4.18
N VAL A 955 24.71 -7.07 3.38
CA VAL A 955 24.65 -6.93 1.93
C VAL A 955 23.30 -6.43 1.47
N MET A 956 22.21 -6.98 2.04
CA MET A 956 20.89 -6.49 1.67
CA MET A 956 20.89 -6.49 1.67
C MET A 956 20.70 -5.03 2.06
N THR A 957 21.17 -4.66 3.25
CA THR A 957 21.05 -3.26 3.66
C THR A 957 21.82 -2.34 2.72
N VAL A 958 23.05 -2.73 2.38
CA VAL A 958 23.90 -1.91 1.52
C VAL A 958 23.29 -1.76 0.13
N VAL A 959 22.69 -2.82 -0.39
CA VAL A 959 22.23 -2.75 -1.78
C VAL A 959 20.80 -2.24 -1.81
N TYR A 960 19.84 -3.08 -1.42
CA TYR A 960 18.44 -2.64 -1.37
C TYR A 960 18.02 -2.28 0.06
N GLY A 961 18.74 -1.33 0.64
CA GLY A 961 18.36 -0.80 1.94
C GLY A 961 18.74 0.66 2.06
N VAL A 962 17.91 1.45 2.74
CA VAL A 962 18.20 2.85 2.95
C VAL A 962 18.94 3.06 4.27
N ARG A 968 20.74 -1.44 9.08
CA ARG A 968 21.75 -1.44 10.13
C ARG A 968 21.19 -2.03 11.42
N LEU A 969 19.91 -1.74 11.69
CA LEU A 969 19.27 -2.28 12.88
C LEU A 969 19.22 -3.80 12.82
N GLN A 970 18.91 -4.36 11.64
CA GLN A 970 18.90 -5.81 11.48
C GLN A 970 20.29 -6.39 11.65
N ILE A 971 21.32 -5.69 11.13
CA ILE A 971 22.68 -6.20 11.19
C ILE A 971 23.18 -6.26 12.62
N GLU A 972 22.92 -5.22 13.40
CA GLU A 972 23.31 -5.22 14.81
C GLU A 972 22.53 -6.28 15.59
N LYS A 973 21.24 -6.44 15.30
CA LYS A 973 20.45 -7.48 15.96
C LYS A 973 21.04 -8.85 15.70
N ARG A 974 21.46 -9.12 14.47
CA ARG A 974 22.10 -10.39 14.15
C ARG A 974 23.32 -10.62 15.04
N LEU A 975 24.15 -9.58 15.20
CA LEU A 975 25.34 -9.70 16.03
C LEU A 975 24.97 -9.93 17.50
N ARG A 976 23.88 -9.30 17.96
CA ARG A 976 23.45 -9.49 19.34
C ARG A 976 23.10 -10.95 19.61
N GLU A 977 22.43 -11.60 18.66
CA GLU A 977 22.03 -12.99 18.83
C GLU A 977 23.19 -13.87 19.24
N LEU A 978 24.39 -13.57 18.75
CA LEU A 978 25.59 -14.31 19.12
C LEU A 978 26.03 -13.84 20.50
N SER A 979 25.71 -14.63 21.53
CA SER A 979 26.09 -14.26 22.88
C SER A 979 27.60 -14.28 23.07
N ASP A 980 28.30 -15.20 22.39
CA ASP A 980 29.74 -15.28 22.51
C ASP A 980 30.41 -14.01 21.98
N PHE A 981 29.93 -13.49 20.85
CA PHE A 981 30.46 -12.25 20.29
C PHE A 981 30.41 -11.15 21.33
N PRO A 982 31.53 -10.45 21.59
CA PRO A 982 31.50 -9.33 22.54
C PRO A 982 30.50 -8.25 22.12
N GLN A 983 29.38 -8.17 22.84
CA GLN A 983 28.35 -7.18 22.50
C GLN A 983 28.69 -5.78 22.99
N GLU A 984 29.88 -5.59 23.56
CA GLU A 984 30.33 -4.25 23.92
C GLU A 984 30.55 -3.38 22.69
N PHE A 985 30.91 -3.99 21.56
CA PHE A 985 31.12 -3.29 20.29
C PHE A 985 30.08 -3.66 19.23
N VAL A 986 28.83 -3.92 19.62
CA VAL A 986 27.86 -4.36 18.63
C VAL A 986 27.61 -3.26 17.59
N TRP A 987 27.43 -2.01 18.04
CA TRP A 987 27.19 -0.89 17.13
C TRP A 987 28.43 -0.60 16.28
N GLU A 988 29.59 -0.54 16.92
CA GLU A 988 30.85 -0.29 16.21
C GLU A 988 31.07 -1.36 15.16
N ALA A 989 30.86 -2.61 15.53
CA ALA A 989 31.05 -3.73 14.62
C ALA A 989 30.07 -3.67 13.46
N SER A 990 28.81 -3.30 13.73
CA SER A 990 27.85 -3.19 12.64
C SER A 990 28.27 -2.12 11.65
N HIS A 991 28.73 -0.96 12.14
CA HIS A 991 29.18 0.10 11.25
C HIS A 991 30.40 -0.34 10.44
N TYR A 992 31.39 -0.91 11.12
CA TYR A 992 32.59 -1.40 10.44
C TYR A 992 32.23 -2.45 9.39
N LEU A 993 31.30 -3.35 9.72
CA LEU A 993 30.88 -4.37 8.79
C LEU A 993 30.22 -3.74 7.56
N VAL A 994 29.39 -2.71 7.77
CA VAL A 994 28.73 -2.06 6.65
C VAL A 994 29.77 -1.43 5.72
N ALA A 995 30.76 -0.74 6.31
CA ALA A 995 31.79 -0.12 5.48
C ALA A 995 32.59 -1.17 4.73
N GLN A 996 32.99 -2.24 5.42
CA GLN A 996 33.78 -3.29 4.78
C GLN A 996 33.01 -4.01 3.69
N VAL A 997 31.74 -4.32 3.93
CA VAL A 997 30.95 -5.00 2.91
C VAL A 997 30.77 -4.10 1.69
N PHE A 998 30.54 -2.79 1.90
CA PHE A 998 30.40 -1.90 0.77
C PHE A 998 31.69 -1.83 -0.04
N ALA A 999 32.83 -1.73 0.65
CA ALA A 999 34.12 -1.73 -0.05
C ALA A 999 34.35 -3.04 -0.78
N SER A 1000 34.01 -4.17 -0.15
CA SER A 1000 34.18 -5.47 -0.77
C SER A 1000 33.33 -5.59 -2.02
N LEU A 1001 32.08 -5.15 -1.95
CA LEU A 1001 31.19 -5.24 -3.09
C LEU A 1001 31.72 -4.41 -4.25
N GLN A 1002 32.18 -3.18 -3.96
CA GLN A 1002 32.73 -2.36 -5.03
C GLN A 1002 33.97 -2.99 -5.63
N GLU A 1003 34.88 -3.52 -4.80
CA GLU A 1003 36.10 -4.08 -5.36
C GLU A 1003 35.81 -5.31 -6.22
N MET A 1004 34.95 -6.22 -5.76
CA MET A 1004 34.67 -7.41 -6.54
C MET A 1004 33.88 -7.10 -7.82
N PHE A 1005 32.92 -6.16 -7.75
CA PHE A 1005 32.03 -5.94 -8.89
C PHE A 1005 32.33 -4.60 -9.56
N SER A 1006 32.86 -4.67 -10.79
CA SER A 1006 33.14 -3.45 -11.55
C SER A 1006 31.84 -2.77 -11.96
N GLY A 1007 30.85 -3.54 -12.41
CA GLY A 1007 29.61 -2.95 -12.83
C GLY A 1007 28.90 -2.29 -11.66
N THR A 1008 28.90 -2.95 -10.50
CA THR A 1008 28.26 -2.37 -9.32
C THR A 1008 28.95 -1.09 -8.89
N ARG A 1009 30.29 -1.07 -8.87
CA ARG A 1009 30.96 0.16 -8.45
C ARG A 1009 30.66 1.29 -9.43
N ALA A 1010 30.71 1.01 -10.74
CA ALA A 1010 30.50 2.08 -11.72
C ALA A 1010 29.09 2.63 -11.64
N ILE A 1011 28.08 1.74 -11.61
CA ILE A 1011 26.70 2.18 -11.60
C ILE A 1011 26.40 2.97 -10.32
N GLN A 1012 26.87 2.46 -9.17
CA GLN A 1012 26.65 3.16 -7.92
CA GLN A 1012 26.65 3.16 -7.92
C GLN A 1012 27.32 4.54 -7.93
N HIS A 1013 28.54 4.61 -8.44
CA HIS A 1013 29.26 5.89 -8.42
C HIS A 1013 28.52 6.92 -9.28
N TRP A 1014 28.12 6.52 -10.49
CA TRP A 1014 27.41 7.46 -11.36
C TRP A 1014 26.09 7.88 -10.74
N LEU A 1015 25.32 6.93 -10.22
CA LEU A 1015 24.01 7.28 -9.65
C LEU A 1015 24.16 8.22 -8.46
N THR A 1016 25.11 7.94 -7.58
CA THR A 1016 25.31 8.78 -6.41
C THR A 1016 25.73 10.19 -6.81
N GLU A 1017 26.68 10.31 -7.75
CA GLU A 1017 27.13 11.63 -8.16
C GLU A 1017 26.02 12.42 -8.82
N SER A 1018 25.25 11.76 -9.70
CA SER A 1018 24.14 12.43 -10.34
C SER A 1018 23.09 12.88 -9.33
N ALA A 1019 22.80 12.03 -8.34
CA ALA A 1019 21.83 12.39 -7.32
C ALA A 1019 22.28 13.61 -6.54
N ARG A 1020 23.56 13.63 -6.16
CA ARG A 1020 24.07 14.77 -5.39
C ARG A 1020 23.98 16.05 -6.20
N LEU A 1021 24.36 15.97 -7.48
CA LEU A 1021 24.35 17.17 -8.31
C LEU A 1021 22.93 17.58 -8.69
N ILE A 1022 21.95 16.69 -8.55
CA ILE A 1022 20.57 17.07 -8.79
C ILE A 1022 20.00 17.76 -7.55
N SER A 1023 20.25 17.17 -6.39
CA SER A 1023 19.81 17.79 -5.13
C SER A 1023 20.40 19.18 -4.95
N HIS A 1024 21.64 19.39 -5.42
CA HIS A 1024 22.26 20.71 -5.37
CA HIS A 1024 22.26 20.71 -5.37
C HIS A 1024 21.32 21.82 -5.87
N MET A 1025 20.40 21.53 -6.79
CA MET A 1025 19.52 22.57 -7.30
C MET A 1025 18.18 22.61 -6.57
N GLY A 1026 18.12 22.13 -5.34
CA GLY A 1026 16.87 22.13 -4.59
C GLY A 1026 15.77 21.35 -5.28
N SER A 1027 16.12 20.20 -5.87
CA SER A 1027 15.18 19.38 -6.59
C SER A 1027 15.32 17.95 -6.11
N VAL A 1028 14.22 17.36 -5.63
CA VAL A 1028 14.25 15.96 -5.22
C VAL A 1028 14.37 15.10 -6.47
N VAL A 1029 15.30 14.16 -6.45
CA VAL A 1029 15.58 13.33 -7.61
C VAL A 1029 14.38 12.45 -7.94
N GLU A 1030 13.68 12.76 -9.04
CA GLU A 1030 12.61 11.89 -9.50
C GLU A 1030 13.01 11.25 -10.81
N TRP A 1031 12.45 10.09 -11.09
CA TRP A 1031 12.78 9.36 -12.29
C TRP A 1031 11.61 8.45 -12.64
N VAL A 1032 11.45 8.19 -13.94
CA VAL A 1032 10.37 7.36 -14.45
C VAL A 1032 10.90 5.95 -14.62
N THR A 1033 10.19 4.98 -14.04
CA THR A 1033 10.59 3.60 -14.14
C THR A 1033 10.40 3.11 -15.58
N PRO A 1034 11.07 2.03 -15.96
CA PRO A 1034 10.85 1.48 -17.31
C PRO A 1034 9.40 1.15 -17.59
N LEU A 1035 8.64 0.72 -16.58
CA LEU A 1035 7.21 0.52 -16.75
C LEU A 1035 6.50 1.82 -17.12
N GLY A 1036 6.98 2.94 -16.61
CA GLY A 1036 6.38 4.24 -16.85
C GLY A 1036 5.79 4.88 -15.63
N VAL A 1037 5.88 4.23 -14.48
CA VAL A 1037 5.37 4.79 -13.22
C VAL A 1037 6.29 5.92 -12.78
N PRO A 1038 5.76 7.08 -12.41
CA PRO A 1038 6.61 8.13 -11.83
C PRO A 1038 7.00 7.76 -10.41
N VAL A 1039 8.29 7.87 -10.10
CA VAL A 1039 8.80 7.65 -8.76
C VAL A 1039 9.61 8.87 -8.35
N ILE A 1040 9.27 9.46 -7.21
CA ILE A 1040 9.95 10.64 -6.70
C ILE A 1040 10.44 10.36 -5.29
N GLN A 1041 11.70 10.68 -5.03
CA GLN A 1041 12.25 10.55 -3.69
C GLN A 1041 11.62 11.58 -2.76
N PRO A 1042 11.11 11.18 -1.59
CA PRO A 1042 10.39 12.11 -0.71
C PRO A 1042 11.21 12.75 0.40
N TYR A 1043 12.50 12.45 0.52
CA TYR A 1043 13.28 12.96 1.63
C TYR A 1043 13.35 14.48 1.59
N ARG A 1044 13.03 15.12 2.71
CA ARG A 1044 13.01 16.57 2.82
C ARG A 1044 13.50 16.98 4.20
N LEU A 1045 14.09 18.17 4.26
CA LEU A 1045 14.54 18.77 5.52
C LEU A 1045 13.82 20.10 5.71
N ASP A 1046 13.23 20.27 6.88
CA ASP A 1046 12.46 21.49 7.17
C ASP A 1046 13.38 22.58 7.72
N ALA A 1070 13.77 21.84 1.86
CA ALA A 1070 14.68 21.59 0.74
C ALA A 1070 15.17 20.15 0.77
N PRO A 1071 15.54 19.63 -0.41
CA PRO A 1071 16.10 18.27 -0.46
C PRO A 1071 17.44 18.20 0.24
N ASN A 1072 17.69 17.08 0.92
CA ASN A 1072 18.98 16.83 1.55
C ASN A 1072 19.93 16.22 0.53
N THR A 1073 21.06 16.88 0.30
CA THR A 1073 22.00 16.41 -0.73
C THR A 1073 22.52 15.03 -0.39
N ALA A 1074 22.82 14.77 0.89
CA ALA A 1074 23.44 13.50 1.25
C ALA A 1074 22.41 12.38 1.30
N LYS A 1075 21.24 12.66 1.87
CA LYS A 1075 20.19 11.65 1.90
C LYS A 1075 19.77 11.25 0.49
N GLN A 1076 19.60 12.22 -0.40
CA GLN A 1076 19.27 11.86 -1.77
C GLN A 1076 20.42 11.13 -2.45
N ALA A 1077 21.66 11.57 -2.22
CA ALA A 1077 22.80 10.98 -2.91
C ALA A 1077 22.98 9.52 -2.54
N ASN A 1078 22.98 9.20 -1.24
CA ASN A 1078 23.10 7.79 -0.87
C ASN A 1078 21.82 7.01 -1.17
N GLY A 1079 20.65 7.64 -1.00
CA GLY A 1079 19.40 6.94 -1.22
C GLY A 1079 19.16 6.54 -2.67
N PHE A 1080 19.64 7.34 -3.62
CA PHE A 1080 19.27 7.13 -5.03
C PHE A 1080 19.62 5.74 -5.55
N PRO A 1081 20.81 5.18 -5.31
CA PRO A 1081 21.07 3.82 -5.82
C PRO A 1081 20.13 2.79 -5.22
N PRO A 1082 19.90 2.77 -3.90
CA PRO A 1082 18.90 1.82 -3.38
C PRO A 1082 17.49 2.04 -3.89
N ASN A 1083 17.04 3.29 -3.97
CA ASN A 1083 15.69 3.56 -4.46
C ASN A 1083 15.55 3.16 -5.92
N PHE A 1084 16.58 3.43 -6.73
CA PHE A 1084 16.57 3.01 -8.12
C PHE A 1084 16.55 1.50 -8.24
N ILE A 1085 17.30 0.81 -7.38
CA ILE A 1085 17.28 -0.65 -7.36
C ILE A 1085 15.90 -1.18 -6.99
N HIS A 1086 15.25 -0.55 -6.00
CA HIS A 1086 13.89 -0.96 -5.66
C HIS A 1086 12.93 -0.71 -6.80
N SER A 1087 13.09 0.41 -7.51
CA SER A 1087 12.23 0.69 -8.66
C SER A 1087 12.40 -0.36 -9.74
N LEU A 1088 13.65 -0.74 -10.04
CA LEU A 1088 13.90 -1.80 -11.02
C LEU A 1088 13.36 -3.14 -10.53
N ASP A 1089 13.51 -3.45 -9.24
CA ASP A 1089 12.98 -4.70 -8.71
C ASP A 1089 11.47 -4.74 -8.83
N SER A 1090 10.80 -3.64 -8.50
CA SER A 1090 9.36 -3.57 -8.65
C SER A 1090 8.95 -3.69 -10.10
N SER A 1091 9.69 -3.05 -11.02
CA SER A 1091 9.36 -3.13 -12.43
C SER A 1091 9.50 -4.56 -12.94
N HIS A 1092 10.58 -5.24 -12.54
CA HIS A 1092 10.80 -6.62 -12.94
C HIS A 1092 9.70 -7.53 -12.38
N MET A 1093 9.36 -7.34 -11.10
CA MET A 1093 8.29 -8.13 -10.50
C MET A 1093 6.96 -7.87 -11.19
N MET A 1094 6.66 -6.61 -11.51
CA MET A 1094 5.39 -6.28 -12.15
C MET A 1094 5.31 -6.85 -13.56
N LEU A 1095 6.41 -6.79 -14.33
CA LEU A 1095 6.41 -7.44 -15.63
C LEU A 1095 6.21 -8.95 -15.49
N THR A 1096 6.87 -9.56 -14.52
CA THR A 1096 6.70 -10.99 -14.28
C THR A 1096 5.24 -11.29 -13.92
N ALA A 1097 4.65 -10.47 -13.05
CA ALA A 1097 3.29 -10.69 -12.61
C ALA A 1097 2.30 -10.56 -13.77
N LEU A 1098 2.47 -9.53 -14.59
CA LEU A 1098 1.54 -9.33 -15.70
C LEU A 1098 1.66 -10.43 -16.74
N HIS A 1099 2.89 -10.84 -17.07
CA HIS A 1099 3.05 -11.95 -18.01
C HIS A 1099 2.51 -13.24 -17.41
N CYS A 1100 2.72 -13.47 -16.11
CA CYS A 1100 2.17 -14.64 -15.46
C CYS A 1100 0.65 -14.62 -15.50
N TYR A 1101 0.06 -13.44 -15.34
CA TYR A 1101 -1.39 -13.30 -15.45
C TYR A 1101 -1.86 -13.68 -16.84
N ARG A 1102 -1.10 -13.28 -17.87
CA ARG A 1102 -1.42 -13.72 -19.22
C ARG A 1102 -1.33 -15.24 -19.32
N LYS A 1103 -0.31 -15.83 -18.68
CA LYS A 1103 -0.21 -17.28 -18.62
C LYS A 1103 -1.34 -17.89 -17.81
N GLY A 1104 -1.86 -17.14 -16.82
CA GLY A 1104 -2.86 -17.64 -15.91
C GLY A 1104 -2.31 -18.05 -14.55
N LEU A 1105 -1.02 -17.86 -14.32
CA LEU A 1105 -0.41 -18.18 -13.05
C LEU A 1105 -0.86 -17.22 -11.96
N THR A 1106 -0.99 -17.73 -10.74
CA THR A 1106 -1.26 -16.90 -9.57
C THR A 1106 0.06 -16.42 -9.00
N PHE A 1107 0.28 -15.11 -9.01
CA PHE A 1107 1.54 -14.51 -8.57
C PHE A 1107 1.29 -13.52 -7.45
N VAL A 1108 1.99 -13.71 -6.33
CA VAL A 1108 2.01 -12.75 -5.24
C VAL A 1108 3.47 -12.50 -4.84
N SER A 1109 3.80 -11.23 -4.59
CA SER A 1109 5.14 -10.82 -4.21
C SER A 1109 5.19 -10.47 -2.72
N VAL A 1110 6.02 -11.18 -1.96
CA VAL A 1110 6.20 -10.95 -0.53
C VAL A 1110 7.63 -10.44 -0.35
N HIS A 1111 7.79 -9.22 0.19
CA HIS A 1111 9.15 -8.62 0.32
C HIS A 1111 9.80 -8.68 -1.07
N ASP A 1112 11.00 -9.24 -1.18
CA ASP A 1112 11.66 -9.40 -2.46
C ASP A 1112 11.52 -10.81 -3.02
N CYS A 1113 10.66 -11.63 -2.43
CA CYS A 1113 10.52 -13.03 -2.82
C CYS A 1113 9.24 -13.22 -3.61
N TYR A 1114 9.35 -13.92 -4.73
CA TYR A 1114 8.20 -14.21 -5.59
C TYR A 1114 7.54 -15.50 -5.14
N TRP A 1115 6.23 -15.46 -4.90
CA TRP A 1115 5.48 -16.58 -4.35
C TRP A 1115 4.46 -17.07 -5.38
N THR A 1116 4.44 -18.38 -5.60
CA THR A 1116 3.48 -18.97 -6.52
C THR A 1116 3.30 -20.45 -6.16
N HIS A 1117 2.32 -21.07 -6.79
CA HIS A 1117 2.05 -22.49 -6.55
C HIS A 1117 3.20 -23.34 -7.07
N ALA A 1118 3.30 -24.56 -6.54
CA ALA A 1118 4.42 -25.44 -6.87
C ALA A 1118 4.47 -25.77 -8.35
N ALA A 1119 3.32 -26.02 -8.97
CA ALA A 1119 3.29 -26.30 -10.40
C ALA A 1119 3.78 -25.10 -11.20
N ASP A 1120 3.48 -23.90 -10.71
CA ASP A 1120 3.73 -22.66 -11.44
C ASP A 1120 5.15 -22.13 -11.25
N VAL A 1121 5.96 -22.79 -10.42
CA VAL A 1121 7.29 -22.29 -10.09
C VAL A 1121 8.19 -22.21 -11.32
N SER A 1122 8.20 -23.26 -12.14
CA SER A 1122 9.08 -23.26 -13.30
C SER A 1122 8.71 -22.17 -14.29
N VAL A 1123 7.42 -22.03 -14.59
CA VAL A 1123 6.98 -21.01 -15.54
C VAL A 1123 7.27 -19.62 -14.97
N MET A 1124 7.05 -19.43 -13.67
CA MET A 1124 7.38 -18.14 -13.07
C MET A 1124 8.87 -17.84 -13.20
N ASN A 1125 9.72 -18.84 -12.95
CA ASN A 1125 11.15 -18.63 -13.04
C ASN A 1125 11.54 -18.21 -14.45
N GLN A 1126 10.99 -18.90 -15.45
CA GLN A 1126 11.34 -18.58 -16.84
C GLN A 1126 10.84 -17.19 -17.21
N VAL A 1127 9.62 -16.85 -16.80
CA VAL A 1127 9.11 -15.50 -17.03
C VAL A 1127 10.00 -14.46 -16.38
N CYS A 1128 10.37 -14.69 -15.11
CA CYS A 1128 11.32 -13.81 -14.43
C CYS A 1128 12.56 -13.56 -15.28
N ARG A 1129 13.23 -14.64 -15.67
CA ARG A 1129 14.44 -14.52 -16.48
C ARG A 1129 14.18 -13.70 -17.74
N GLU A 1130 13.12 -14.05 -18.49
CA GLU A 1130 12.77 -13.34 -19.70
C GLU A 1130 12.60 -11.85 -19.45
N GLN A 1131 11.73 -11.50 -18.49
CA GLN A 1131 11.47 -10.10 -18.17
C GLN A 1131 12.74 -9.36 -17.80
N PHE A 1132 13.57 -9.97 -16.94
CA PHE A 1132 14.84 -9.38 -16.56
C PHE A 1132 15.67 -9.04 -17.78
N VAL A 1133 15.84 -10.02 -18.68
CA VAL A 1133 16.60 -9.81 -19.91
C VAL A 1133 16.02 -8.63 -20.68
N ARG A 1134 14.72 -8.69 -20.99
CA ARG A 1134 14.08 -7.61 -21.75
C ARG A 1134 14.29 -6.24 -21.09
N LEU A 1135 14.04 -6.17 -19.78
CA LEU A 1135 14.19 -4.93 -19.02
C LEU A 1135 15.58 -4.34 -19.21
N HIS A 1136 16.62 -5.13 -18.92
CA HIS A 1136 17.97 -4.59 -19.02
C HIS A 1136 18.40 -4.37 -20.46
N SER A 1137 17.93 -5.20 -21.40
CA SER A 1137 18.22 -4.98 -22.80
C SER A 1137 17.70 -3.63 -23.25
N GLU A 1138 16.52 -3.25 -22.76
CA GLU A 1138 16.04 -1.90 -23.00
C GLU A 1138 17.02 -0.93 -22.35
N PRO A 1139 17.31 0.21 -22.97
CA PRO A 1139 18.43 1.04 -22.44
C PRO A 1139 18.07 1.84 -21.20
N ILE A 1140 18.09 1.16 -20.05
CA ILE A 1140 17.70 1.81 -18.79
C ILE A 1140 18.65 2.95 -18.47
N LEU A 1141 19.95 2.71 -18.57
CA LEU A 1141 20.94 3.74 -18.24
C LEU A 1141 20.85 4.92 -19.19
N GLN A 1142 20.79 4.65 -20.49
CA GLN A 1142 20.76 5.73 -21.47
C GLN A 1142 19.47 6.54 -21.36
N ASP A 1143 18.33 5.87 -21.19
CA ASP A 1143 17.07 6.55 -21.01
C ASP A 1143 17.07 7.39 -19.74
N LEU A 1144 17.61 6.85 -18.64
CA LEU A 1144 17.69 7.63 -17.42
C LEU A 1144 18.56 8.86 -17.61
N SER A 1145 19.70 8.72 -18.31
CA SER A 1145 20.57 9.86 -18.52
C SER A 1145 19.87 10.94 -19.33
N ARG A 1146 19.19 10.54 -20.41
CA ARG A 1146 18.47 11.51 -21.23
C ARG A 1146 17.33 12.15 -20.46
N PHE A 1147 16.60 11.35 -19.68
CA PHE A 1147 15.49 11.86 -18.90
C PHE A 1147 15.96 12.91 -17.90
N LEU A 1148 17.02 12.57 -17.14
CA LEU A 1148 17.48 13.50 -16.11
C LEU A 1148 18.06 14.75 -16.75
N VAL A 1149 18.66 14.64 -17.94
CA VAL A 1149 19.15 15.83 -18.63
C VAL A 1149 17.98 16.72 -19.00
N LYS A 1150 16.95 16.15 -19.62
CA LYS A 1150 15.78 16.92 -20.05
C LYS A 1150 15.04 17.52 -18.86
N ARG A 1151 15.06 16.85 -17.72
CA ARG A 1151 14.32 17.31 -16.57
C ARG A 1151 15.13 18.36 -15.82
N PHE A 1152 16.15 17.90 -15.09
CA PHE A 1152 16.91 18.82 -14.23
C PHE A 1152 17.85 19.70 -15.04
N CYS A 1153 18.60 19.12 -15.98
CA CYS A 1153 19.60 19.92 -16.70
C CYS A 1153 18.99 21.11 -17.41
N SER A 1154 17.73 21.00 -17.84
CA SER A 1154 17.00 22.11 -18.44
C SER A 1154 16.50 23.03 -17.33
N GLU A 1155 17.43 23.80 -16.76
CA GLU A 1155 17.12 24.72 -15.67
C GLU A 1155 17.87 26.02 -15.90
N PRO A 1156 17.24 27.00 -16.54
CA PRO A 1156 17.91 28.28 -16.78
C PRO A 1156 18.37 28.98 -15.51
N GLN A 1157 17.62 28.83 -14.42
CA GLN A 1157 17.98 29.44 -13.16
C GLN A 1157 19.29 28.88 -12.61
N LYS A 1158 19.50 27.57 -12.72
CA LYS A 1158 20.68 26.90 -12.19
C LYS A 1158 21.56 26.32 -13.29
N ILE A 1159 21.62 26.99 -14.44
CA ILE A 1159 22.33 26.49 -15.61
C ILE A 1159 23.81 26.29 -15.33
N LEU A 1160 24.40 27.09 -14.44
CA LEU A 1160 25.85 27.05 -14.26
C LEU A 1160 26.31 25.69 -13.72
N GLU A 1161 25.65 25.18 -12.69
CA GLU A 1161 25.99 23.82 -12.24
C GLU A 1161 25.21 22.77 -13.02
N ALA A 1162 24.16 23.17 -13.75
CA ALA A 1162 23.46 22.20 -14.57
C ALA A 1162 24.32 21.77 -15.75
N SER A 1163 25.27 22.60 -16.18
CA SER A 1163 26.19 22.19 -17.23
C SER A 1163 27.15 21.11 -16.73
N GLN A 1164 27.58 21.22 -15.47
CA GLN A 1164 28.44 20.18 -14.91
C GLN A 1164 27.64 18.89 -14.71
N LEU A 1165 26.37 19.03 -14.30
CA LEU A 1165 25.51 17.87 -14.20
C LEU A 1165 25.31 17.26 -15.58
N LYS A 1166 25.21 18.09 -16.62
CA LYS A 1166 25.14 17.62 -17.99
C LYS A 1166 26.31 16.71 -18.30
N GLU A 1167 27.53 17.18 -18.00
CA GLU A 1167 28.72 16.37 -18.26
C GLU A 1167 28.65 15.04 -17.49
N THR A 1168 28.28 15.12 -16.21
CA THR A 1168 28.25 13.92 -15.38
C THR A 1168 27.24 12.91 -15.91
N LEU A 1169 26.05 13.37 -16.26
CA LEU A 1169 25.02 12.49 -16.81
C LEU A 1169 25.46 11.93 -18.16
N GLN A 1170 26.12 12.75 -18.97
CA GLN A 1170 26.57 12.30 -20.29
C GLN A 1170 27.56 11.16 -20.16
N ALA A 1171 28.43 11.22 -19.15
CA ALA A 1171 29.40 10.14 -18.95
C ALA A 1171 28.71 9.01 -18.18
N VAL A 1172 27.91 8.24 -18.92
CA VAL A 1172 27.23 7.06 -18.39
C VAL A 1172 28.29 5.99 -18.14
N PRO A 1173 28.13 5.13 -17.14
CA PRO A 1173 29.10 4.03 -16.97
C PRO A 1173 29.12 3.11 -18.18
N LYS A 1174 30.31 2.83 -18.68
CA LYS A 1174 30.42 2.05 -19.89
C LYS A 1174 30.05 0.59 -19.62
N PRO A 1175 29.25 -0.03 -20.47
CA PRO A 1175 28.98 -1.46 -20.30
C PRO A 1175 30.22 -2.29 -20.58
N GLY A 1176 30.31 -3.42 -19.90
CA GLY A 1176 31.43 -4.31 -20.13
C GLY A 1176 31.11 -5.33 -21.20
N ALA A 1177 31.44 -6.60 -20.99
CA ALA A 1177 31.20 -7.64 -21.98
C ALA A 1177 30.49 -8.81 -21.30
N PHE A 1178 29.20 -8.63 -21.03
CA PHE A 1178 28.35 -9.69 -20.51
C PHE A 1178 27.10 -9.78 -21.37
N ASP A 1179 26.79 -10.98 -21.84
CA ASP A 1179 25.61 -11.19 -22.66
C ASP A 1179 24.41 -11.43 -21.77
N LEU A 1180 23.35 -10.62 -21.97
CA LEU A 1180 22.15 -10.76 -21.15
C LEU A 1180 21.40 -12.04 -21.45
N GLU A 1181 21.53 -12.57 -22.67
CA GLU A 1181 20.72 -13.73 -23.07
C GLU A 1181 20.94 -14.93 -22.15
N GLN A 1182 22.16 -15.09 -21.64
CA GLN A 1182 22.47 -16.24 -20.80
C GLN A 1182 21.70 -16.22 -19.48
N VAL A 1183 21.12 -15.07 -19.11
CA VAL A 1183 20.31 -15.02 -17.90
C VAL A 1183 19.17 -16.00 -17.99
N LYS A 1184 18.59 -16.16 -19.18
CA LYS A 1184 17.53 -17.13 -19.39
C LYS A 1184 18.03 -18.54 -19.08
N ARG A 1185 19.27 -18.84 -19.46
CA ARG A 1185 19.86 -20.14 -19.26
C ARG A 1185 20.56 -20.26 -17.90
N SER A 1186 20.39 -19.26 -17.03
CA SER A 1186 20.96 -19.32 -15.69
C SER A 1186 20.03 -20.13 -14.79
N THR A 1187 20.51 -21.30 -14.34
CA THR A 1187 19.69 -22.19 -13.53
C THR A 1187 19.41 -21.61 -12.14
N TYR A 1188 20.41 -20.98 -11.53
CA TYR A 1188 20.34 -20.54 -10.14
C TYR A 1188 20.02 -19.06 -10.00
N PHE A 1189 19.52 -18.42 -11.06
CA PHE A 1189 19.22 -16.99 -11.01
C PHE A 1189 18.16 -16.67 -9.96
N PHE A 1190 17.08 -17.46 -9.92
CA PHE A 1190 16.08 -17.37 -8.86
C PHE A 1190 15.87 -18.68 -8.12
N SER A 1191 16.83 -19.61 -8.18
CA SER A 1191 16.68 -20.86 -7.44
C SER A 1191 16.82 -20.60 -5.95
#